data_5JNA
#
_entry.id   5JNA
#
_cell.length_a   64.908
_cell.length_b   123.798
_cell.length_c   151.430
_cell.angle_alpha   90.00
_cell.angle_beta   90.00
_cell.angle_gamma   90.00
#
_symmetry.space_group_name_H-M   'P 21 21 21'
#
loop_
_entity.id
_entity.type
_entity.pdbx_description
1 polymer 'Carbonic anhydrase 4'
2 non-polymer 'ZINC ION'
3 non-polymer "[(3aS,5aR,8aR,8bS)-2,2,7,7-tetramethyltetrahydro-3aH-bis[1,3]dioxolo[4,5-b:4',5'-d]pyran-3a-yl]methyl sulfamate"
4 non-polymer 'SULFATE ION'
5 non-polymer GLYCEROL
6 non-polymer 'ACETATE ION'
7 water water
#
_entity_poly.entity_id   1
_entity_poly.type   'polypeptide(L)'
_entity_poly.pdbx_seq_one_letter_code
;AESHWCYEVQAESSNYPCLVPVKWGGNCQKDRQSPINIVTTKAKVDKKLGRFFFSGYDKKQTWTVQNNGHSVMMLLENKA
SISGGGLPAPYQAKQLHLHWSDLPYKGSEHSLDGEHFAMEMHIVHEKEKGTSRNVKEAQDPEDEIAVLAFLVEAGTQVNE
GFQPLVEALSNIPKPEMSTTMAESSLLDLLPKEEKLRHYFRYLGSLTTPTCDEKVVWTVFREPIQLHREQILAFSQKLYY
DKEQTVSMKDNVRPLQQLGQRTVIKS
;
_entity_poly.pdbx_strand_id   A,B,C,D
#
loop_
_chem_comp.id
_chem_comp.type
_chem_comp.name
_chem_comp.formula
ACT non-polymer 'ACETATE ION' 'C2 H3 O2 -1'
GOL non-polymer GLYCEROL 'C3 H8 O3'
SO4 non-polymer 'SULFATE ION' 'O4 S -2'
TOR non-polymer '[(3aS,5aR,8aR,8bS)-2,2,7,7-tetramethyltetrahydro-3aH-bis[1,3]dioxolo[4,5-b:4',5'-d]pyran-3a-yl]methyl sulfamate' 'C12 H21 N O8 S'
ZN non-polymer 'ZINC ION' 'Zn 2'
#
# COMPACT_ATOMS: atom_id res chain seq x y z
N ALA A 1 29.94 16.30 -23.61
CA ALA A 1 29.50 15.81 -22.29
C ALA A 1 30.67 15.19 -21.52
N GLU A 2 30.70 15.42 -20.21
CA GLU A 2 31.86 15.08 -19.39
C GLU A 2 31.76 13.71 -18.73
N SER A 3 30.61 13.04 -18.89
CA SER A 3 30.44 11.64 -18.49
C SER A 3 29.18 11.04 -19.10
N HIS A 4 29.02 9.73 -18.98
CA HIS A 4 27.86 9.02 -19.53
C HIS A 4 26.57 9.40 -18.82
N TRP A 5 25.49 9.48 -19.59
CA TRP A 5 24.18 9.74 -19.02
C TRP A 5 23.73 8.61 -18.10
N CYS A 6 22.97 8.96 -17.07
CA CYS A 6 22.40 8.00 -16.16
C CYS A 6 21.05 8.53 -15.67
N TYR A 7 20.31 7.69 -14.95
CA TYR A 7 19.13 8.15 -14.22
C TYR A 7 19.57 8.64 -12.85
N GLU A 8 18.77 9.52 -12.24
CA GLU A 8 19.06 10.07 -10.93
C GLU A 8 19.52 9.02 -9.91
N VAL A 9 18.81 7.90 -9.85
CA VAL A 9 19.10 6.86 -8.86
C VAL A 9 20.55 6.36 -8.93
N GLN A 10 21.09 6.25 -10.14
CA GLN A 10 22.44 5.78 -10.36
C GLN A 10 23.47 6.71 -9.74
N ALA A 11 23.29 8.01 -9.94
CA ALA A 11 24.19 9.01 -9.37
C ALA A 11 24.10 9.05 -7.85
N GLU A 12 22.90 8.82 -7.31
CA GLU A 12 22.70 8.79 -5.86
C GLU A 12 23.22 7.51 -5.19
N SER A 13 23.35 6.44 -5.96
CA SER A 13 23.63 5.11 -5.37
C SER A 13 25.06 4.65 -5.57
N SER A 14 25.83 5.42 -6.33
CA SER A 14 27.21 5.06 -6.64
C SER A 14 28.09 6.31 -6.56
N ASN A 15 29.38 6.12 -6.30
CA ASN A 15 30.32 7.23 -6.28
C ASN A 15 30.94 7.52 -7.65
N TYR A 16 30.65 6.66 -8.62
CA TYR A 16 31.13 6.85 -10.00
C TYR A 16 30.29 7.95 -10.68
N PRO A 17 30.94 9.04 -11.13
CA PRO A 17 30.19 10.15 -11.73
C PRO A 17 29.51 9.85 -13.06
N CYS A 18 28.30 10.37 -13.21
CA CYS A 18 27.52 10.20 -14.40
C CYS A 18 26.62 11.42 -14.56
N LEU A 19 26.07 11.63 -15.76
CA LEU A 19 25.23 12.80 -16.03
C LEU A 19 23.76 12.49 -15.78
N VAL A 20 23.18 13.13 -14.76
CA VAL A 20 21.75 12.99 -14.43
C VAL A 20 20.83 13.74 -15.43
N PRO A 21 19.51 13.39 -15.43
CA PRO A 21 18.56 13.87 -16.44
C PRO A 21 18.49 15.37 -16.68
N VAL A 22 18.56 16.16 -15.60
CA VAL A 22 18.51 17.61 -15.72
C VAL A 22 19.75 18.14 -16.44
N LYS A 23 20.78 17.30 -16.52
CA LYS A 23 22.05 17.65 -17.16
C LYS A 23 22.29 16.93 -18.50
N TRP A 24 21.35 16.13 -19.04
CA TRP A 24 21.46 15.40 -20.30
C TRP A 24 21.76 16.32 -21.50
N GLY A 25 22.63 15.86 -22.39
CA GLY A 25 22.96 16.61 -23.58
C GLY A 25 22.01 16.34 -24.74
N GLY A 26 22.55 16.24 -25.95
CA GLY A 26 21.75 15.97 -27.13
C GLY A 26 20.62 16.97 -27.33
N ASN A 27 19.34 16.47 -27.68
CA ASN A 27 18.17 17.33 -27.83
C ASN A 27 17.34 17.38 -26.55
N CYS A 28 17.90 16.86 -25.45
CA CYS A 28 17.16 16.66 -24.18
C CYS A 28 16.71 17.95 -23.49
N GLN A 29 17.30 19.06 -23.92
CA GLN A 29 17.03 20.38 -23.37
C GLN A 29 16.14 21.23 -24.28
N LYS A 30 15.55 20.62 -25.31
CA LYS A 30 14.65 21.32 -26.21
C LYS A 30 13.22 21.28 -25.68
N ASP A 31 12.25 21.84 -26.41
CA ASP A 31 10.94 22.15 -25.82
C ASP A 31 9.73 21.28 -26.20
N ARG A 32 9.98 20.16 -26.88
CA ARG A 32 8.91 19.21 -27.17
CA ARG A 32 8.90 19.21 -27.18
C ARG A 32 9.33 17.84 -26.66
N GLN A 33 9.61 17.79 -25.35
CA GLN A 33 10.13 16.60 -24.70
C GLN A 33 9.04 15.72 -24.10
N SER A 34 9.40 14.47 -23.82
CA SER A 34 8.57 13.48 -23.16
C SER A 34 9.38 12.91 -22.00
N PRO A 35 8.71 12.33 -20.97
CA PRO A 35 7.28 12.14 -20.74
C PRO A 35 6.62 13.39 -20.20
N ILE A 36 5.30 13.34 -20.08
CA ILE A 36 4.49 14.44 -19.57
C ILE A 36 3.40 13.93 -18.62
N ASN A 37 2.85 14.84 -17.82
CA ASN A 37 1.57 14.61 -17.16
C ASN A 37 0.45 14.87 -18.15
N ILE A 38 -0.52 13.97 -18.18
CA ILE A 38 -1.71 14.15 -18.99
C ILE A 38 -2.93 14.44 -18.12
N VAL A 39 -3.51 15.63 -18.30
CA VAL A 39 -4.78 15.99 -17.68
C VAL A 39 -5.90 15.41 -18.55
N THR A 40 -6.44 14.27 -18.13
CA THR A 40 -7.35 13.49 -18.96
C THR A 40 -8.59 14.27 -19.42
N THR A 41 -9.19 15.07 -18.53
CA THR A 41 -10.38 15.84 -18.90
C THR A 41 -10.08 17.05 -19.80
N LYS A 42 -8.80 17.39 -19.96
CA LYS A 42 -8.46 18.53 -20.83
C LYS A 42 -8.04 18.10 -22.21
N ALA A 43 -7.78 16.82 -22.37
CA ALA A 43 -7.49 16.27 -23.69
C ALA A 43 -8.76 16.22 -24.54
N LYS A 44 -8.74 16.89 -25.68
CA LYS A 44 -9.89 16.95 -26.58
C LYS A 44 -10.07 15.67 -27.40
N VAL A 45 -11.30 15.19 -27.48
CA VAL A 45 -11.64 14.03 -28.29
C VAL A 45 -11.44 14.37 -29.77
N ASP A 46 -10.73 13.49 -30.46
CA ASP A 46 -10.54 13.63 -31.91
C ASP A 46 -11.10 12.38 -32.60
N LYS A 47 -12.17 12.56 -33.38
CA LYS A 47 -12.93 11.48 -34.01
C LYS A 47 -12.10 10.61 -34.93
N LYS A 48 -11.08 11.21 -35.53
CA LYS A 48 -10.18 10.52 -36.44
C LYS A 48 -9.23 9.51 -35.77
N LEU A 49 -9.20 9.49 -34.44
CA LEU A 49 -8.41 8.48 -33.72
C LEU A 49 -9.24 7.23 -33.51
N GLY A 50 -9.10 6.28 -34.44
CA GLY A 50 -9.86 5.04 -34.41
C GLY A 50 -9.05 3.91 -33.77
N ARG A 51 -9.58 2.69 -33.88
CA ARG A 51 -8.92 1.53 -33.27
C ARG A 51 -7.57 1.23 -33.92
N PHE A 52 -6.70 0.59 -33.15
CA PHE A 52 -5.44 0.10 -33.66
C PHE A 52 -5.66 -1.25 -34.28
N PHE A 53 -4.82 -1.57 -35.27
CA PHE A 53 -4.78 -2.91 -35.81
C PHE A 53 -3.40 -3.45 -35.53
N PHE A 54 -3.37 -4.58 -34.82
CA PHE A 54 -2.14 -5.24 -34.46
C PHE A 54 -1.88 -6.41 -35.42
N SER A 55 -0.64 -6.51 -35.91
CA SER A 55 -0.20 -7.65 -36.71
C SER A 55 0.95 -8.34 -36.03
N GLY A 56 0.88 -9.66 -35.91
CA GLY A 56 1.96 -10.42 -35.29
C GLY A 56 1.98 -10.33 -33.77
N TYR A 57 0.95 -9.71 -33.20
CA TYR A 57 0.86 -9.56 -31.75
C TYR A 57 0.30 -10.81 -31.09
N ASP A 58 -0.44 -11.60 -31.87
CA ASP A 58 -1.09 -12.80 -31.35
C ASP A 58 -0.19 -14.02 -31.44
N LYS A 59 0.74 -14.01 -32.40
CA LYS A 59 1.59 -15.17 -32.71
C LYS A 59 2.59 -15.43 -31.58
N LYS A 60 2.65 -16.69 -31.15
CA LYS A 60 3.66 -17.12 -30.17
C LYS A 60 5.04 -17.14 -30.81
N GLN A 61 6.01 -16.56 -30.11
CA GLN A 61 7.40 -16.49 -30.54
C GLN A 61 8.27 -16.80 -29.32
N THR A 62 9.52 -17.20 -29.55
CA THR A 62 10.51 -17.24 -28.47
C THR A 62 11.42 -16.01 -28.58
N TRP A 63 11.10 -14.95 -27.85
CA TRP A 63 11.79 -13.68 -28.03
C TRP A 63 13.18 -13.62 -27.38
N THR A 64 14.09 -12.88 -28.00
CA THR A 64 15.35 -12.54 -27.37
C THR A 64 15.12 -11.35 -26.47
N VAL A 65 15.53 -11.49 -25.22
CA VAL A 65 15.44 -10.38 -24.30
C VAL A 65 16.83 -10.08 -23.74
N GLN A 66 17.13 -8.79 -23.61
CA GLN A 66 18.47 -8.38 -23.16
C GLN A 66 18.48 -7.22 -22.17
N ASN A 67 19.51 -7.22 -21.31
CA ASN A 67 19.76 -6.12 -20.39
C ASN A 67 20.74 -5.15 -21.02
N ASN A 68 20.28 -3.94 -21.35
CA ASN A 68 21.16 -3.01 -22.05
C ASN A 68 21.82 -2.00 -21.11
N GLY A 69 21.66 -2.23 -19.80
CA GLY A 69 22.17 -1.32 -18.77
C GLY A 69 21.20 -0.22 -18.36
N HIS A 70 20.08 -0.09 -19.08
CA HIS A 70 19.10 0.98 -18.78
C HIS A 70 17.72 0.41 -18.49
N SER A 71 17.46 -0.77 -19.04
CA SER A 71 16.20 -1.49 -18.92
C SER A 71 16.42 -2.89 -19.48
N VAL A 72 15.35 -3.69 -19.49
CA VAL A 72 15.30 -4.93 -20.23
C VAL A 72 14.49 -4.68 -21.51
N MET A 73 14.92 -5.32 -22.59
CA MET A 73 14.44 -5.03 -23.93
C MET A 73 14.23 -6.30 -24.76
N MET A 74 13.01 -6.51 -25.23
CA MET A 74 12.72 -7.60 -26.17
C MET A 74 12.98 -7.09 -27.57
N LEU A 75 13.64 -7.90 -28.39
CA LEU A 75 13.93 -7.52 -29.77
C LEU A 75 12.83 -8.08 -30.64
N LEU A 76 12.04 -7.18 -31.24
CA LEU A 76 10.84 -7.58 -31.97
C LEU A 76 11.09 -7.83 -33.47
N GLU A 77 12.21 -7.31 -33.98
CA GLU A 77 12.75 -7.64 -35.32
C GLU A 77 11.74 -7.58 -36.48
N ASN A 78 10.91 -6.56 -36.43
CA ASN A 78 9.90 -6.39 -37.48
C ASN A 78 8.95 -7.58 -37.58
N LYS A 79 8.89 -8.40 -36.53
CA LYS A 79 8.01 -9.56 -36.56
C LYS A 79 6.60 -9.19 -36.13
N ALA A 80 6.34 -8.01 -35.88
CA ALA A 80 5.05 -7.41 -35.57
C ALA A 80 4.96 -5.98 -36.10
N SER A 81 3.73 -5.51 -36.31
CA SER A 81 3.49 -4.17 -36.83
C SER A 81 2.11 -3.65 -36.40
N ILE A 82 1.90 -2.35 -36.57
CA ILE A 82 0.64 -1.70 -36.18
C ILE A 82 0.14 -0.78 -37.28
N SER A 83 -1.17 -0.59 -37.31
CA SER A 83 -1.78 0.43 -38.13
C SER A 83 -3.07 0.90 -37.47
N GLY A 84 -3.76 1.82 -38.12
CA GLY A 84 -4.88 2.52 -37.50
C GLY A 84 -4.32 3.39 -36.39
N GLY A 85 -5.10 3.59 -35.33
CA GLY A 85 -4.68 4.41 -34.21
C GLY A 85 -4.51 5.90 -34.55
N GLY A 86 -5.19 6.36 -35.60
CA GLY A 86 -4.98 7.71 -36.10
C GLY A 86 -3.61 7.96 -36.70
N LEU A 87 -2.85 6.89 -36.96
CA LEU A 87 -1.50 6.98 -37.50
C LEU A 87 -1.51 7.17 -39.01
N PRO A 88 -0.49 7.87 -39.56
CA PRO A 88 -0.44 8.17 -41.01
C PRO A 88 0.02 7.02 -41.90
N ALA A 89 0.60 6.00 -41.29
CA ALA A 89 1.19 4.88 -42.00
C ALA A 89 1.18 3.67 -41.08
N PRO A 90 1.44 2.48 -41.63
CA PRO A 90 1.76 1.41 -40.72
C PRO A 90 3.18 1.58 -40.16
N TYR A 91 3.43 0.99 -39.01
CA TYR A 91 4.72 1.10 -38.31
C TYR A 91 5.22 -0.29 -37.96
N GLN A 92 6.52 -0.54 -38.13
CA GLN A 92 7.12 -1.86 -37.78
C GLN A 92 7.68 -1.91 -36.34
N ALA A 93 7.39 -2.98 -35.61
CA ALA A 93 7.86 -3.12 -34.23
C ALA A 93 9.35 -3.45 -34.16
N LYS A 94 10.08 -2.70 -33.34
CA LYS A 94 11.51 -2.91 -33.19
C LYS A 94 11.90 -3.53 -31.85
N GLN A 95 11.27 -3.05 -30.78
CA GLN A 95 11.65 -3.43 -29.43
C GLN A 95 10.52 -3.13 -28.47
N LEU A 96 10.51 -3.88 -27.37
CA LEU A 96 9.66 -3.59 -26.24
C LEU A 96 10.57 -3.49 -25.02
N HIS A 97 10.35 -2.50 -24.16
CA HIS A 97 11.15 -2.38 -22.93
C HIS A 97 10.27 -1.77 -21.84
N LEU A 98 10.78 -1.71 -20.61
CA LEU A 98 10.00 -1.16 -19.51
C LEU A 98 10.71 -0.13 -18.65
N HIS A 99 9.94 0.62 -17.86
CA HIS A 99 10.45 1.53 -16.85
C HIS A 99 9.68 1.20 -15.58
N TRP A 100 10.35 1.22 -14.44
CA TRP A 100 9.71 0.81 -13.18
C TRP A 100 10.36 1.41 -11.96
N SER A 101 9.69 1.25 -10.82
CA SER A 101 10.29 1.48 -9.53
C SER A 101 10.07 0.23 -8.65
N ASP A 102 10.11 0.39 -7.33
CA ASP A 102 9.77 -0.69 -6.39
C ASP A 102 8.68 -0.23 -5.40
N LEU A 103 8.04 0.89 -5.72
CA LEU A 103 6.86 1.34 -4.96
C LEU A 103 5.65 1.40 -5.88
N PRO A 104 4.45 1.08 -5.36
CA PRO A 104 3.28 0.97 -6.24
C PRO A 104 2.84 2.28 -6.87
N TYR A 105 3.14 3.40 -6.20
CA TYR A 105 2.70 4.72 -6.67
C TYR A 105 3.67 5.43 -7.63
N LYS A 106 4.78 4.77 -7.99
CA LYS A 106 5.71 5.32 -8.99
C LYS A 106 6.37 4.25 -9.81
N GLY A 107 7.01 4.66 -10.88
CA GLY A 107 7.61 3.73 -11.83
C GLY A 107 7.25 4.02 -13.28
N SER A 108 6.10 4.69 -13.49
CA SER A 108 5.73 5.09 -14.86
C SER A 108 6.45 6.37 -15.27
N GLU A 109 6.67 6.54 -16.57
CA GLU A 109 7.30 7.78 -17.06
C GLU A 109 6.22 8.85 -17.20
N HIS A 110 5.15 8.51 -17.92
CA HIS A 110 3.99 9.38 -17.99
C HIS A 110 3.14 9.28 -16.73
N SER A 111 2.37 10.34 -16.47
CA SER A 111 1.39 10.30 -15.40
C SER A 111 0.02 10.70 -15.95
N LEU A 112 -1.01 10.09 -15.37
CA LEU A 112 -2.39 10.44 -15.72
C LEU A 112 -3.00 11.15 -14.53
N ASP A 113 -3.37 12.41 -14.74
CA ASP A 113 -3.92 13.24 -13.68
C ASP A 113 -3.06 13.24 -12.42
N GLY A 114 -1.74 13.28 -12.59
CA GLY A 114 -0.82 13.35 -11.45
C GLY A 114 -0.54 12.04 -10.76
N GLU A 115 -1.11 10.94 -11.29
CA GLU A 115 -0.84 9.61 -10.77
C GLU A 115 0.16 8.89 -11.65
N HIS A 116 1.30 8.54 -11.06
CA HIS A 116 2.22 7.59 -11.69
C HIS A 116 1.78 6.16 -11.39
N PHE A 117 2.12 5.24 -12.28
CA PHE A 117 1.79 3.83 -12.12
C PHE A 117 3.06 3.07 -11.77
N ALA A 118 2.93 1.79 -11.43
CA ALA A 118 4.07 0.99 -10.91
C ALA A 118 5.16 0.74 -11.96
N MET A 119 4.77 0.68 -13.24
CA MET A 119 5.67 0.52 -14.38
C MET A 119 5.03 1.17 -15.58
N GLU A 120 5.84 1.32 -16.64
CA GLU A 120 5.36 1.72 -17.96
C GLU A 120 6.13 0.91 -19.01
N MET A 121 5.38 0.24 -19.88
CA MET A 121 5.92 -0.59 -20.94
C MET A 121 5.81 0.19 -22.25
N HIS A 122 6.91 0.21 -22.99
CA HIS A 122 6.98 0.92 -24.27
C HIS A 122 7.24 -0.08 -25.41
N ILE A 123 6.40 -0.05 -26.44
CA ILE A 123 6.65 -0.83 -27.66
C ILE A 123 6.97 0.18 -28.75
N VAL A 124 8.21 0.16 -29.22
CA VAL A 124 8.77 1.15 -30.13
C VAL A 124 8.58 0.66 -31.58
N HIS A 125 7.95 1.46 -32.42
CA HIS A 125 7.75 1.08 -33.82
C HIS A 125 8.34 2.17 -34.71
N GLU A 126 8.73 1.79 -35.94
CA GLU A 126 9.26 2.75 -36.94
C GLU A 126 8.37 2.93 -38.17
N LYS A 127 8.26 4.17 -38.63
CA LYS A 127 7.38 4.52 -39.74
C LYS A 127 7.79 3.87 -41.07
N GLU A 128 6.79 3.37 -41.80
CA GLU A 128 6.98 3.07 -43.22
C GLU A 128 6.74 4.35 -43.99
N LYS A 129 7.83 4.99 -44.36
CA LYS A 129 7.75 6.26 -45.08
C LYS A 129 7.50 6.05 -46.57
N GLY A 130 7.04 7.11 -47.24
CA GLY A 130 6.94 7.11 -48.68
C GLY A 130 8.00 8.06 -49.22
N THR A 131 7.96 8.33 -50.52
CA THR A 131 8.73 9.45 -51.08
C THR A 131 7.82 10.69 -51.11
N SER A 132 8.41 11.90 -51.21
CA SER A 132 7.65 13.13 -51.59
C SER A 132 8.52 14.27 -52.16
N ASP A 140 13.35 11.17 -39.28
CA ASP A 140 13.24 12.38 -40.09
C ASP A 140 11.97 13.22 -39.77
N PRO A 141 10.75 12.64 -39.97
CA PRO A 141 9.59 13.43 -39.57
C PRO A 141 9.35 13.44 -38.05
N GLU A 142 8.46 14.32 -37.60
CA GLU A 142 8.03 14.39 -36.19
C GLU A 142 7.43 13.09 -35.66
N ASP A 143 7.01 12.20 -36.56
CA ASP A 143 6.32 10.95 -36.18
C ASP A 143 7.02 9.71 -36.76
N GLU A 144 8.31 9.82 -37.02
CA GLU A 144 9.14 8.68 -37.48
C GLU A 144 8.98 7.47 -36.57
N ILE A 145 8.92 7.72 -35.27
CA ILE A 145 8.77 6.64 -34.30
C ILE A 145 7.40 6.72 -33.61
N ALA A 146 6.72 5.58 -33.53
CA ALA A 146 5.52 5.47 -32.72
C ALA A 146 5.84 4.59 -31.52
N VAL A 147 5.71 5.15 -30.32
CA VAL A 147 5.85 4.36 -29.09
C VAL A 147 4.48 4.16 -28.50
N LEU A 148 4.14 2.90 -28.23
CA LEU A 148 2.90 2.57 -27.55
C LEU A 148 3.24 2.39 -26.09
N ALA A 149 2.56 3.17 -25.24
CA ALA A 149 2.81 3.17 -23.79
C ALA A 149 1.64 2.56 -23.01
N PHE A 150 1.94 1.56 -22.20
CA PHE A 150 0.95 0.92 -21.35
C PHE A 150 1.35 1.12 -19.90
N LEU A 151 0.39 1.54 -19.07
CA LEU A 151 0.62 1.71 -17.64
C LEU A 151 0.35 0.41 -16.91
N VAL A 152 1.11 0.17 -15.85
CA VAL A 152 1.04 -1.06 -15.10
C VAL A 152 0.68 -0.74 -13.67
N GLU A 153 -0.42 -1.33 -13.24
CA GLU A 153 -0.94 -1.15 -11.92
C GLU A 153 -0.62 -2.38 -11.07
N ALA A 154 -0.12 -2.13 -9.87
CA ALA A 154 0.28 -3.22 -8.98
C ALA A 154 -0.93 -3.71 -8.21
N GLY A 155 -1.04 -5.03 -8.07
CA GLY A 155 -2.08 -5.61 -7.21
C GLY A 155 -1.76 -7.04 -6.81
N THR A 156 -2.80 -7.84 -6.61
CA THR A 156 -2.62 -9.23 -6.21
C THR A 156 -2.96 -10.22 -7.33
N GLN A 157 -3.27 -9.71 -8.51
CA GLN A 157 -3.61 -10.58 -9.63
C GLN A 157 -2.34 -11.04 -10.35
N VAL A 158 -2.07 -12.35 -10.29
CA VAL A 158 -0.94 -12.93 -11.02
C VAL A 158 -1.26 -12.83 -12.51
N ASN A 159 -0.44 -12.09 -13.24
CA ASN A 159 -0.58 -11.97 -14.67
C ASN A 159 0.24 -13.08 -15.30
N GLU A 160 -0.45 -14.14 -15.72
CA GLU A 160 0.18 -15.31 -16.35
C GLU A 160 0.94 -14.98 -17.63
N GLY A 161 0.44 -13.99 -18.37
CA GLY A 161 1.04 -13.57 -19.63
C GLY A 161 2.44 -13.03 -19.48
N PHE A 162 2.70 -12.37 -18.35
CA PHE A 162 4.03 -11.87 -18.04
C PHE A 162 5.04 -12.88 -17.53
N GLN A 163 4.59 -14.06 -17.17
CA GLN A 163 5.52 -15.04 -16.61
C GLN A 163 6.74 -15.44 -17.49
N PRO A 164 6.54 -15.67 -18.81
CA PRO A 164 7.81 -15.89 -19.54
C PRO A 164 8.84 -14.76 -19.37
N LEU A 165 8.40 -13.50 -19.43
CA LEU A 165 9.34 -12.40 -19.28
C LEU A 165 9.92 -12.33 -17.86
N VAL A 166 9.06 -12.39 -16.85
CA VAL A 166 9.53 -12.39 -15.46
C VAL A 166 10.58 -13.52 -15.17
N GLU A 167 10.32 -14.74 -15.63
CA GLU A 167 11.27 -15.84 -15.44
C GLU A 167 12.62 -15.63 -16.15
N ALA A 168 12.59 -15.01 -17.32
CA ALA A 168 13.79 -14.67 -18.09
C ALA A 168 14.74 -13.73 -17.36
N LEU A 169 14.18 -12.87 -16.51
CA LEU A 169 14.97 -11.82 -15.83
C LEU A 169 16.16 -12.33 -15.02
N SER A 170 16.03 -13.49 -14.38
CA SER A 170 17.12 -14.13 -13.61
C SER A 170 18.36 -14.39 -14.45
N ASN A 171 18.16 -14.44 -15.75
CA ASN A 171 19.20 -14.91 -16.65
C ASN A 171 19.96 -13.74 -17.26
N ILE A 172 19.44 -12.53 -17.06
CA ILE A 172 20.09 -11.33 -17.59
C ILE A 172 20.36 -10.25 -16.53
N PRO A 173 21.02 -10.63 -15.42
CA PRO A 173 21.17 -9.66 -14.32
C PRO A 173 22.06 -8.47 -14.68
N LYS A 174 23.08 -8.68 -15.53
CA LYS A 174 24.08 -7.66 -15.82
C LYS A 174 23.90 -7.11 -17.23
N PRO A 175 24.30 -5.85 -17.47
CA PRO A 175 24.20 -5.31 -18.83
C PRO A 175 24.96 -6.12 -19.89
N GLU A 176 24.46 -6.05 -21.11
CA GLU A 176 24.96 -6.79 -22.26
C GLU A 176 24.78 -8.31 -22.13
N MET A 177 23.90 -8.74 -21.25
CA MET A 177 23.51 -10.16 -21.22
C MET A 177 22.19 -10.35 -21.98
N SER A 178 22.08 -11.46 -22.71
CA SER A 178 20.92 -11.80 -23.53
C SER A 178 20.43 -13.18 -23.18
N THR A 179 19.11 -13.37 -23.20
CA THR A 179 18.51 -14.69 -23.01
C THR A 179 17.30 -14.89 -23.94
N THR A 180 16.79 -16.12 -24.02
CA THR A 180 15.64 -16.43 -24.89
C THR A 180 14.44 -16.77 -24.03
N MET A 181 13.36 -16.00 -24.16
CA MET A 181 12.13 -16.26 -23.38
C MET A 181 11.40 -17.51 -23.85
N ALA A 182 10.69 -18.15 -22.93
CA ALA A 182 9.76 -19.23 -23.27
C ALA A 182 8.67 -18.68 -24.19
N GLU A 183 8.07 -19.57 -24.98
CA GLU A 183 7.03 -19.23 -25.95
C GLU A 183 6.00 -18.23 -25.38
N SER A 184 5.77 -17.12 -26.10
CA SER A 184 4.81 -16.10 -25.66
C SER A 184 4.47 -15.13 -26.78
N SER A 185 3.34 -14.45 -26.64
CA SER A 185 2.90 -13.46 -27.64
C SER A 185 2.93 -12.08 -27.05
N LEU A 186 2.89 -11.06 -27.90
CA LEU A 186 2.82 -9.69 -27.41
C LEU A 186 1.50 -9.43 -26.67
N LEU A 187 0.40 -9.99 -27.19
CA LEU A 187 -0.92 -9.87 -26.56
C LEU A 187 -0.99 -10.42 -25.14
N ASP A 188 -0.16 -11.43 -24.85
CA ASP A 188 -0.01 -11.98 -23.49
C ASP A 188 0.38 -10.87 -22.49
N LEU A 189 1.09 -9.87 -23.00
CA LEU A 189 1.62 -8.79 -22.18
C LEU A 189 0.69 -7.56 -22.06
N LEU A 190 -0.39 -7.55 -22.84
CA LEU A 190 -1.22 -6.35 -22.96
C LEU A 190 -2.60 -6.55 -22.33
N PRO A 191 -3.33 -5.44 -22.05
CA PRO A 191 -4.74 -5.62 -21.66
C PRO A 191 -5.52 -6.30 -22.79
N LYS A 192 -6.77 -6.71 -22.54
CA LYS A 192 -7.66 -7.22 -23.59
C LYS A 192 -7.75 -6.20 -24.72
N GLU A 193 -7.63 -6.67 -25.95
CA GLU A 193 -7.65 -5.79 -27.12
C GLU A 193 -8.83 -4.80 -27.11
N GLU A 194 -10.02 -5.27 -26.75
CA GLU A 194 -11.23 -4.43 -26.78
C GLU A 194 -11.17 -3.24 -25.81
N LYS A 195 -10.28 -3.33 -24.80
CA LYS A 195 -10.09 -2.25 -23.83
C LYS A 195 -9.05 -1.23 -24.29
N LEU A 196 -8.49 -1.41 -25.48
CA LEU A 196 -7.48 -0.52 -26.00
C LEU A 196 -8.03 0.54 -26.95
N ARG A 197 -9.35 0.74 -26.91
CA ARG A 197 -10.03 1.72 -27.76
C ARG A 197 -9.81 3.17 -27.27
N HIS A 198 -9.57 3.31 -25.96
CA HIS A 198 -9.37 4.60 -25.33
C HIS A 198 -7.89 4.85 -25.09
N TYR A 199 -7.35 5.86 -25.76
CA TYR A 199 -5.94 6.25 -25.62
C TYR A 199 -5.73 7.75 -25.78
N PHE A 200 -4.58 8.22 -25.31
CA PHE A 200 -4.16 9.62 -25.41
C PHE A 200 -3.04 9.68 -26.43
N ARG A 201 -2.94 10.81 -27.10
CA ARG A 201 -2.04 11.00 -28.25
C ARG A 201 -1.42 12.38 -28.18
N TYR A 202 -0.11 12.45 -28.33
CA TYR A 202 0.61 13.71 -28.50
C TYR A 202 1.97 13.46 -29.18
N LEU A 203 2.62 14.56 -29.55
CA LEU A 203 3.89 14.52 -30.26
C LEU A 203 4.99 14.89 -29.28
N GLY A 204 6.05 14.08 -29.22
CA GLY A 204 7.17 14.39 -28.33
C GLY A 204 8.48 13.74 -28.72
N SER A 205 9.20 13.27 -27.71
CA SER A 205 10.58 12.82 -27.86
C SER A 205 10.76 11.42 -27.29
N LEU A 206 11.90 10.81 -27.65
CA LEU A 206 12.44 9.69 -26.89
C LEU A 206 12.82 10.18 -25.49
N THR A 207 12.71 9.29 -24.51
CA THR A 207 12.94 9.65 -23.11
C THR A 207 14.35 9.30 -22.58
N THR A 208 15.28 8.94 -23.46
CA THR A 208 16.69 8.80 -23.11
C THR A 208 17.52 9.60 -24.12
N PRO A 209 18.74 10.04 -23.75
CA PRO A 209 19.57 10.76 -24.76
C PRO A 209 19.77 9.94 -26.04
N THR A 210 19.70 10.57 -27.22
CA THR A 210 19.65 12.02 -27.42
C THR A 210 18.24 12.68 -27.43
N CYS A 211 17.22 11.98 -26.94
CA CYS A 211 15.89 12.60 -26.78
C CYS A 211 15.38 13.24 -28.06
N ASP A 212 15.51 12.52 -29.17
CA ASP A 212 15.16 13.08 -30.50
C ASP A 212 13.68 13.34 -30.54
N GLU A 213 13.30 14.49 -31.09
CA GLU A 213 11.88 14.88 -31.11
C GLU A 213 11.24 14.32 -32.37
N LYS A 214 11.00 13.01 -32.35
CA LYS A 214 10.54 12.29 -33.53
C LYS A 214 9.54 11.18 -33.19
N VAL A 215 8.84 11.36 -32.06
CA VAL A 215 7.95 10.35 -31.56
C VAL A 215 6.51 10.81 -31.57
N VAL A 216 5.67 10.01 -32.20
CA VAL A 216 4.26 10.12 -31.94
C VAL A 216 3.91 9.16 -30.79
N TRP A 217 3.46 9.74 -29.68
CA TRP A 217 3.14 9.00 -28.46
C TRP A 217 1.69 8.50 -28.43
N THR A 218 1.50 7.29 -27.91
CA THR A 218 0.18 6.82 -27.52
C THR A 218 0.23 6.28 -26.08
N VAL A 219 -0.64 6.79 -25.22
CA VAL A 219 -0.72 6.30 -23.85
C VAL A 219 -2.11 5.72 -23.68
N PHE A 220 -2.20 4.42 -23.43
CA PHE A 220 -3.51 3.77 -23.30
C PHE A 220 -4.13 4.02 -21.93
N ARG A 221 -5.43 4.28 -21.89
CA ARG A 221 -6.14 4.51 -20.61
C ARG A 221 -6.16 3.25 -19.72
N GLU A 222 -6.28 2.08 -20.33
CA GLU A 222 -6.41 0.84 -19.58
C GLU A 222 -5.07 0.33 -19.08
N PRO A 223 -4.93 0.15 -17.76
CA PRO A 223 -3.73 -0.42 -17.17
C PRO A 223 -3.57 -1.94 -17.35
N ILE A 224 -2.30 -2.38 -17.48
CA ILE A 224 -1.94 -3.80 -17.29
C ILE A 224 -1.97 -4.08 -15.79
N GLN A 225 -2.56 -5.20 -15.40
CA GLN A 225 -2.57 -5.63 -14.01
C GLN A 225 -1.44 -6.62 -13.79
N LEU A 226 -0.52 -6.29 -12.89
CA LEU A 226 0.59 -7.18 -12.52
C LEU A 226 0.65 -7.29 -11.03
N HIS A 227 0.90 -8.50 -10.53
CA HIS A 227 1.10 -8.73 -9.11
C HIS A 227 2.32 -7.95 -8.62
N ARG A 228 2.23 -7.40 -7.42
CA ARG A 228 3.34 -6.67 -6.78
C ARG A 228 4.66 -7.42 -6.83
N GLU A 229 4.61 -8.73 -6.61
CA GLU A 229 5.83 -9.50 -6.62
C GLU A 229 6.41 -9.75 -8.02
N GLN A 230 5.56 -9.73 -9.04
CA GLN A 230 6.00 -9.74 -10.43
C GLN A 230 6.67 -8.41 -10.79
N ILE A 231 6.13 -7.29 -10.30
CA ILE A 231 6.80 -6.00 -10.49
C ILE A 231 8.14 -5.96 -9.72
N LEU A 232 8.16 -6.48 -8.50
CA LEU A 232 9.39 -6.43 -7.70
C LEU A 232 10.49 -7.31 -8.27
N ALA A 233 10.11 -8.32 -9.06
CA ALA A 233 11.06 -9.21 -9.71
C ALA A 233 12.05 -8.44 -10.61
N PHE A 234 11.56 -7.33 -11.17
CA PHE A 234 12.38 -6.47 -12.02
C PHE A 234 13.53 -5.81 -11.22
N SER A 235 13.22 -5.11 -10.13
CA SER A 235 14.30 -4.57 -9.30
C SER A 235 15.08 -5.66 -8.52
N GLN A 236 14.47 -6.82 -8.30
CA GLN A 236 15.14 -7.87 -7.54
C GLN A 236 16.19 -8.61 -8.34
N LYS A 237 15.97 -8.71 -9.65
CA LYS A 237 16.73 -9.60 -10.52
C LYS A 237 17.73 -8.90 -11.45
N LEU A 238 17.58 -7.60 -11.63
CA LEU A 238 18.33 -6.83 -12.62
C LEU A 238 19.23 -5.78 -11.95
N TYR A 239 20.34 -5.48 -12.61
CA TYR A 239 21.28 -4.46 -12.15
C TYR A 239 21.65 -3.54 -13.30
N TYR A 240 21.97 -2.29 -12.95
CA TYR A 240 22.47 -1.32 -13.90
C TYR A 240 23.91 -1.61 -14.35
N ASP A 241 24.67 -2.32 -13.51
CA ASP A 241 26.13 -2.46 -13.73
C ASP A 241 26.61 -3.91 -13.62
N LYS A 242 27.68 -4.23 -14.29
CA LYS A 242 28.28 -5.55 -14.21
C LYS A 242 28.76 -5.92 -12.82
N GLU A 243 29.21 -4.96 -12.03
CA GLU A 243 29.57 -5.10 -10.62
C GLU A 243 28.33 -5.36 -9.66
N GLN A 244 27.10 -5.20 -10.16
CA GLN A 244 25.88 -5.44 -9.44
C GLN A 244 25.84 -4.67 -8.15
N THR A 245 26.14 -3.38 -8.19
CA THR A 245 26.10 -2.57 -6.99
C THR A 245 24.84 -1.72 -6.89
N VAL A 246 24.15 -1.53 -8.02
CA VAL A 246 22.93 -0.75 -8.06
C VAL A 246 21.86 -1.57 -8.79
N SER A 247 20.87 -2.02 -8.03
CA SER A 247 19.74 -2.75 -8.58
C SER A 247 19.03 -1.85 -9.57
N MET A 248 18.54 -2.44 -10.66
CA MET A 248 17.83 -1.68 -11.69
C MET A 248 16.39 -1.36 -11.29
N LYS A 249 16.16 -0.07 -11.04
CA LYS A 249 14.83 0.48 -10.72
C LYS A 249 14.94 2.02 -10.86
N ASP A 250 13.79 2.70 -10.88
CA ASP A 250 13.75 4.16 -11.10
C ASP A 250 14.49 4.55 -12.39
N ASN A 251 14.48 3.65 -13.36
CA ASN A 251 14.95 3.96 -14.69
C ASN A 251 13.90 4.80 -15.44
N VAL A 252 13.64 5.98 -14.87
CA VAL A 252 12.54 6.86 -15.25
C VAL A 252 13.06 8.29 -15.46
N ARG A 253 12.75 8.87 -16.61
CA ARG A 253 13.04 10.28 -16.85
C ARG A 253 12.00 11.14 -16.12
N PRO A 254 12.44 12.24 -15.45
CA PRO A 254 11.45 13.13 -14.80
C PRO A 254 10.52 13.81 -15.83
N LEU A 255 9.36 14.29 -15.36
CA LEU A 255 8.34 14.92 -16.21
C LEU A 255 8.81 16.19 -16.87
N GLN A 256 8.43 16.35 -18.15
CA GLN A 256 8.72 17.51 -18.97
C GLN A 256 7.47 18.36 -19.15
N GLN A 257 7.65 19.64 -19.46
CA GLN A 257 6.50 20.55 -19.70
C GLN A 257 5.87 20.31 -21.08
N LEU A 258 4.54 20.31 -21.11
CA LEU A 258 3.82 20.20 -22.37
C LEU A 258 4.10 21.43 -23.27
N GLY A 259 4.24 22.59 -22.65
CA GLY A 259 4.42 23.84 -23.38
C GLY A 259 3.25 24.09 -24.31
N GLN A 260 3.54 24.48 -25.54
CA GLN A 260 2.50 24.89 -26.48
C GLN A 260 1.78 23.75 -27.23
N ARG A 261 2.20 22.52 -26.96
CA ARG A 261 1.59 21.33 -27.55
C ARG A 261 0.17 21.01 -27.03
N THR A 262 -0.53 20.17 -27.78
CA THR A 262 -1.88 19.72 -27.46
C THR A 262 -1.90 18.20 -27.31
N VAL A 263 -2.60 17.73 -26.30
CA VAL A 263 -2.84 16.31 -26.12
C VAL A 263 -4.26 16.03 -26.57
N ILE A 264 -4.41 15.03 -27.43
CA ILE A 264 -5.74 14.58 -27.88
C ILE A 264 -6.08 13.16 -27.39
N LYS A 265 -7.35 12.78 -27.52
CA LYS A 265 -7.77 11.43 -27.15
C LYS A 265 -8.80 10.86 -28.10
N SER A 266 -8.86 9.53 -28.18
CA SER A 266 -9.91 8.86 -28.94
C SER A 266 -11.28 9.01 -28.26
N HIS B 4 20.78 -29.76 2.98
CA HIS B 4 19.40 -30.25 2.69
C HIS B 4 18.23 -29.41 3.23
N TRP B 5 18.30 -28.83 4.42
CA TRP B 5 17.16 -28.02 4.89
C TRP B 5 16.99 -26.69 4.12
N CYS B 6 15.76 -26.29 3.91
CA CYS B 6 15.50 -25.02 3.23
C CYS B 6 14.24 -24.34 3.75
N TYR B 7 14.03 -23.11 3.29
CA TYR B 7 12.74 -22.47 3.44
C TYR B 7 11.84 -22.84 2.26
N GLU B 8 10.53 -22.72 2.48
CA GLU B 8 9.52 -23.10 1.49
C GLU B 8 9.79 -22.46 0.12
N VAL B 9 10.06 -21.16 0.13
CA VAL B 9 10.28 -20.39 -1.09
C VAL B 9 11.41 -20.97 -1.96
N GLN B 10 12.44 -21.54 -1.33
CA GLN B 10 13.53 -22.18 -2.09
C GLN B 10 13.05 -23.40 -2.88
N ALA B 11 12.29 -24.28 -2.24
CA ALA B 11 11.70 -25.46 -2.91
C ALA B 11 10.80 -25.09 -4.08
N GLU B 12 10.14 -23.94 -3.96
CA GLU B 12 9.21 -23.49 -4.99
C GLU B 12 9.91 -22.80 -6.16
N SER B 13 11.04 -22.16 -5.88
CA SER B 13 11.79 -21.41 -6.89
C SER B 13 12.86 -22.23 -7.59
N SER B 14 13.03 -23.48 -7.16
CA SER B 14 14.19 -24.28 -7.58
C SER B 14 13.83 -25.76 -7.79
N ASN B 15 14.58 -26.44 -8.66
CA ASN B 15 14.38 -27.87 -8.88
C ASN B 15 15.27 -28.75 -8.00
N TYR B 16 16.25 -28.11 -7.33
CA TYR B 16 17.12 -28.78 -6.38
C TYR B 16 16.30 -29.24 -5.17
N PRO B 17 16.37 -30.54 -4.83
CA PRO B 17 15.56 -31.11 -3.74
C PRO B 17 16.09 -30.65 -2.39
N CYS B 18 15.19 -30.15 -1.56
CA CYS B 18 15.58 -29.65 -0.24
C CYS B 18 14.45 -29.92 0.75
N LEU B 19 14.79 -29.95 2.03
CA LEU B 19 13.83 -30.29 3.08
C LEU B 19 13.12 -29.01 3.55
N VAL B 20 11.83 -28.92 3.25
CA VAL B 20 11.04 -27.74 3.56
C VAL B 20 10.66 -27.72 5.06
N PRO B 21 10.30 -26.53 5.59
CA PRO B 21 10.15 -26.39 7.02
C PRO B 21 9.14 -27.34 7.68
N VAL B 22 8.02 -27.63 7.00
CA VAL B 22 7.03 -28.52 7.61
C VAL B 22 7.59 -29.97 7.77
N LYS B 23 8.66 -30.27 7.03
CA LYS B 23 9.26 -31.60 7.05
C LYS B 23 10.56 -31.68 7.85
N TRP B 24 11.04 -30.56 8.42
CA TRP B 24 12.27 -30.56 9.22
C TRP B 24 12.21 -31.64 10.30
N GLY B 25 13.32 -32.34 10.51
CA GLY B 25 13.35 -33.43 11.47
C GLY B 25 14.13 -33.12 12.74
N GLY B 26 14.51 -34.17 13.46
CA GLY B 26 15.24 -34.01 14.70
C GLY B 26 14.47 -33.27 15.77
N ASN B 27 15.16 -32.31 16.48
CA ASN B 27 14.51 -31.56 17.53
C ASN B 27 13.36 -30.67 17.05
N CYS B 28 13.31 -30.39 15.74
CA CYS B 28 12.19 -29.63 15.13
C CYS B 28 10.82 -30.32 15.33
N GLN B 29 10.82 -31.61 15.64
CA GLN B 29 9.58 -32.35 15.89
C GLN B 29 9.08 -32.26 17.36
N LYS B 30 9.82 -31.59 18.25
CA LYS B 30 9.44 -31.52 19.68
C LYS B 30 8.39 -30.43 19.95
N ASP B 31 7.90 -30.33 21.19
CA ASP B 31 6.71 -29.48 21.39
C ASP B 31 6.91 -28.13 22.09
N ARG B 32 8.14 -27.65 22.15
CA ARG B 32 8.44 -26.31 22.66
C ARG B 32 9.18 -25.51 21.59
N GLN B 33 8.54 -25.37 20.43
CA GLN B 33 9.15 -24.73 19.26
C GLN B 33 8.82 -23.24 19.08
N SER B 34 9.65 -22.54 18.31
CA SER B 34 9.48 -21.13 17.98
C SER B 34 9.55 -21.03 16.44
N PRO B 35 8.97 -19.96 15.86
CA PRO B 35 8.29 -18.85 16.52
C PRO B 35 6.83 -19.15 16.81
N ILE B 36 6.17 -18.21 17.49
CA ILE B 36 4.79 -18.35 17.88
C ILE B 36 4.04 -17.06 17.58
N ASN B 37 2.72 -17.18 17.53
CA ASN B 37 1.84 -16.02 17.63
C ASN B 37 1.68 -15.64 19.10
N ILE B 38 1.87 -14.36 19.41
CA ILE B 38 1.59 -13.86 20.76
C ILE B 38 0.22 -13.15 20.83
N VAL B 39 -0.72 -13.77 21.55
CA VAL B 39 -2.00 -13.13 21.87
C VAL B 39 -1.67 -12.20 23.02
N THR B 40 -1.54 -10.91 22.73
CA THR B 40 -0.97 -9.96 23.68
C THR B 40 -1.78 -9.84 24.97
N THR B 41 -3.11 -9.90 24.87
CA THR B 41 -3.97 -9.81 26.06
C THR B 41 -3.97 -11.09 26.92
N LYS B 42 -3.42 -12.19 26.39
CA LYS B 42 -3.32 -13.42 27.19
C LYS B 42 -1.95 -13.61 27.86
N ALA B 43 -1.02 -12.69 27.62
CA ALA B 43 0.30 -12.76 28.26
C ALA B 43 0.25 -11.97 29.57
N LYS B 44 0.54 -12.65 30.68
CA LYS B 44 0.41 -12.06 32.00
C LYS B 44 1.64 -11.24 32.37
N VAL B 45 1.43 -10.11 33.05
CA VAL B 45 2.53 -9.29 33.50
C VAL B 45 3.25 -10.02 34.63
N ASP B 46 4.56 -10.13 34.50
CA ASP B 46 5.41 -10.64 35.58
C ASP B 46 6.32 -9.48 36.00
N LYS B 47 6.26 -9.13 37.28
CA LYS B 47 7.03 -7.99 37.78
C LYS B 47 8.52 -8.26 37.95
N LYS B 48 8.91 -9.53 37.97
CA LYS B 48 10.31 -9.92 37.97
C LYS B 48 11.03 -9.62 36.63
N LEU B 49 10.28 -9.19 35.62
CA LEU B 49 10.86 -8.82 34.33
C LEU B 49 11.25 -7.34 34.26
N GLY B 50 12.50 -7.06 34.63
CA GLY B 50 13.01 -5.71 34.75
C GLY B 50 13.69 -5.22 33.49
N ARG B 51 14.30 -4.03 33.56
CA ARG B 51 15.04 -3.47 32.42
C ARG B 51 16.24 -4.33 32.03
N PHE B 52 16.58 -4.33 30.75
CA PHE B 52 17.80 -4.94 30.28
C PHE B 52 18.97 -4.01 30.54
N PHE B 53 20.15 -4.59 30.76
CA PHE B 53 21.39 -3.82 30.77
C PHE B 53 22.23 -4.19 29.55
N PHE B 54 22.54 -3.17 28.74
CA PHE B 54 23.33 -3.41 27.53
C PHE B 54 24.79 -3.01 27.76
N SER B 55 25.71 -3.84 27.29
CA SER B 55 27.13 -3.52 27.35
C SER B 55 27.72 -3.68 25.96
N GLY B 56 28.37 -2.63 25.46
CA GLY B 56 28.99 -2.66 24.13
C GLY B 56 28.04 -2.40 22.98
N TYR B 57 26.79 -2.06 23.29
CA TYR B 57 25.81 -1.71 22.27
C TYR B 57 25.95 -0.29 21.72
N ASP B 58 26.58 0.60 22.50
CA ASP B 58 26.74 2.00 22.07
C ASP B 58 28.05 2.28 21.32
N LYS B 59 29.01 1.37 21.43
CA LYS B 59 30.33 1.53 20.80
C LYS B 59 30.28 1.37 19.27
N LYS B 60 30.89 2.32 18.57
CA LYS B 60 31.00 2.26 17.11
C LYS B 60 32.05 1.22 16.75
N GLN B 61 31.69 0.28 15.88
CA GLN B 61 32.60 -0.78 15.44
C GLN B 61 32.47 -0.89 13.93
N THR B 62 33.49 -1.44 13.27
CA THR B 62 33.35 -1.92 11.89
C THR B 62 33.08 -3.43 11.95
N TRP B 63 31.85 -3.83 11.68
CA TRP B 63 31.47 -5.22 11.89
C TRP B 63 31.66 -6.06 10.64
N THR B 64 31.98 -7.32 10.83
CA THR B 64 31.94 -8.31 9.76
C THR B 64 30.49 -8.75 9.56
N VAL B 65 30.05 -8.71 8.32
CA VAL B 65 28.74 -9.23 7.98
C VAL B 65 28.88 -10.16 6.78
N GLN B 66 28.09 -11.22 6.77
CA GLN B 66 28.22 -12.26 5.74
C GLN B 66 26.90 -12.92 5.38
N ASN B 67 26.88 -13.56 4.22
CA ASN B 67 25.72 -14.25 3.66
C ASN B 67 25.99 -15.72 3.87
N ASN B 68 25.15 -16.39 4.67
CA ASN B 68 25.34 -17.81 4.94
C ASN B 68 24.39 -18.72 4.15
N GLY B 69 23.71 -18.15 3.16
CA GLY B 69 22.71 -18.89 2.40
C GLY B 69 21.34 -18.98 3.04
N HIS B 70 21.21 -18.49 4.28
CA HIS B 70 19.93 -18.52 4.98
C HIS B 70 19.48 -17.10 5.28
N SER B 71 20.43 -16.27 5.68
CA SER B 71 20.23 -14.84 5.95
C SER B 71 21.53 -14.07 5.81
N VAL B 72 21.48 -12.79 6.19
CA VAL B 72 22.67 -11.95 6.41
C VAL B 72 22.92 -11.91 7.94
N MET B 73 24.19 -11.96 8.34
CA MET B 73 24.60 -12.19 9.72
C MET B 73 25.83 -11.32 10.08
N MET B 74 25.67 -10.39 11.02
CA MET B 74 26.82 -9.69 11.61
C MET B 74 27.46 -10.53 12.69
N LEU B 75 28.78 -10.62 12.66
CA LEU B 75 29.52 -11.36 13.68
C LEU B 75 29.81 -10.40 14.85
N LEU B 76 29.31 -10.75 16.02
CA LEU B 76 29.38 -9.85 17.18
C LEU B 76 30.51 -10.18 18.15
N GLU B 77 31.03 -11.41 18.08
CA GLU B 77 32.36 -11.73 18.63
C GLU B 77 32.62 -11.34 20.09
N ASN B 78 31.61 -11.48 20.90
CA ASN B 78 31.74 -11.10 22.25
C ASN B 78 32.09 -9.62 22.51
N LYS B 79 31.94 -8.74 21.52
CA LYS B 79 32.16 -7.30 21.68
C LYS B 79 31.01 -6.61 22.40
N ALA B 80 30.00 -7.38 22.66
CA ALA B 80 28.78 -6.94 23.33
C ALA B 80 28.12 -8.02 24.20
N SER B 81 27.23 -7.59 25.09
CA SER B 81 26.59 -8.50 26.05
C SER B 81 25.37 -7.87 26.71
N ILE B 82 24.61 -8.68 27.42
CA ILE B 82 23.40 -8.24 28.09
C ILE B 82 23.27 -8.90 29.47
N SER B 83 22.49 -8.24 30.33
CA SER B 83 22.06 -8.77 31.62
C SER B 83 20.74 -8.09 31.97
N GLY B 84 20.18 -8.38 33.14
CA GLY B 84 18.85 -7.90 33.48
C GLY B 84 17.80 -8.58 32.63
N GLY B 85 16.72 -7.88 32.31
CA GLY B 85 15.64 -8.44 31.49
C GLY B 85 15.07 -9.76 31.99
N GLY B 86 15.08 -9.94 33.31
CA GLY B 86 14.60 -11.18 33.92
C GLY B 86 15.47 -12.39 33.65
N LEU B 87 16.66 -12.18 33.07
CA LEU B 87 17.62 -13.26 32.77
C LEU B 87 18.39 -13.75 33.99
N PRO B 88 18.70 -15.07 34.03
CA PRO B 88 19.36 -15.65 35.20
C PRO B 88 20.89 -15.44 35.28
N ALA B 89 21.48 -14.89 34.21
CA ALA B 89 22.93 -14.73 34.07
C ALA B 89 23.15 -13.69 32.98
N PRO B 90 24.40 -13.20 32.82
CA PRO B 90 24.69 -12.39 31.64
C PRO B 90 24.89 -13.29 30.43
N TYR B 91 24.71 -12.71 29.25
CA TYR B 91 24.77 -13.46 27.99
C TYR B 91 25.65 -12.66 27.04
N GLN B 92 26.55 -13.35 26.34
CA GLN B 92 27.45 -12.72 25.40
C GLN B 92 26.85 -12.71 24.01
N ALA B 93 26.95 -11.58 23.30
CA ALA B 93 26.37 -11.44 21.98
C ALA B 93 27.23 -12.18 20.96
N LYS B 94 26.58 -13.00 20.14
CA LYS B 94 27.28 -13.81 19.15
C LYS B 94 27.03 -13.31 17.75
N GLN B 95 25.77 -13.03 17.42
CA GLN B 95 25.43 -12.58 16.09
C GLN B 95 24.11 -11.83 16.01
N LEU B 96 23.97 -11.07 14.93
CA LEU B 96 22.74 -10.39 14.58
C LEU B 96 22.37 -10.77 13.14
N HIS B 97 21.14 -11.22 12.93
CA HIS B 97 20.70 -11.54 11.59
C HIS B 97 19.24 -11.16 11.43
N LEU B 98 18.72 -11.29 10.21
CA LEU B 98 17.34 -10.86 9.95
C LEU B 98 16.50 -11.91 9.18
N HIS B 99 15.18 -11.74 9.24
CA HIS B 99 14.21 -12.50 8.46
C HIS B 99 13.30 -11.45 7.83
N TRP B 100 12.92 -11.64 6.58
CA TRP B 100 12.10 -10.63 5.90
C TRP B 100 11.32 -11.20 4.72
N SER B 101 10.45 -10.38 4.16
CA SER B 101 9.81 -10.68 2.89
C SER B 101 9.98 -9.46 2.02
N ASP B 102 9.11 -9.30 1.02
CA ASP B 102 9.10 -8.10 0.18
C ASP B 102 7.72 -7.44 0.14
N LEU B 103 6.84 -7.88 1.02
CA LEU B 103 5.52 -7.27 1.17
C LEU B 103 5.34 -6.81 2.62
N PRO B 104 4.66 -5.67 2.84
CA PRO B 104 4.66 -5.07 4.19
C PRO B 104 3.94 -5.89 5.27
N TYR B 105 3.06 -6.82 4.87
CA TYR B 105 2.27 -7.57 5.84
C TYR B 105 2.88 -8.88 6.31
N LYS B 106 4.08 -9.19 5.83
CA LYS B 106 4.75 -10.41 6.20
C LYS B 106 6.25 -10.25 6.14
N GLY B 107 6.96 -11.17 6.79
CA GLY B 107 8.41 -11.10 6.88
C GLY B 107 8.96 -11.42 8.26
N SER B 108 8.13 -11.23 9.29
CA SER B 108 8.57 -11.55 10.66
C SER B 108 8.28 -13.00 10.96
N GLU B 109 9.02 -13.53 11.91
CA GLU B 109 8.82 -14.91 12.33
C GLU B 109 7.71 -14.98 13.37
N HIS B 110 7.77 -14.11 14.39
CA HIS B 110 6.69 -14.00 15.37
C HIS B 110 5.57 -13.09 14.82
N SER B 111 4.36 -13.30 15.32
CA SER B 111 3.30 -12.35 15.09
C SER B 111 2.68 -11.87 16.41
N LEU B 112 2.15 -10.67 16.40
CA LEU B 112 1.41 -10.14 17.55
C LEU B 112 -0.05 -10.03 17.15
N ASP B 113 -0.89 -10.79 17.83
CA ASP B 113 -2.33 -10.82 17.57
C ASP B 113 -2.65 -11.09 16.10
N GLY B 114 -1.82 -11.93 15.48
CA GLY B 114 -2.04 -12.28 14.09
C GLY B 114 -1.38 -11.33 13.11
N GLU B 115 -0.83 -10.23 13.61
CA GLU B 115 -0.10 -9.25 12.77
C GLU B 115 1.34 -9.65 12.57
N HIS B 116 1.72 -9.87 11.32
CA HIS B 116 3.13 -10.06 10.99
C HIS B 116 3.70 -8.71 10.60
N PHE B 117 4.99 -8.54 10.84
CA PHE B 117 5.70 -7.34 10.45
C PHE B 117 6.57 -7.61 9.22
N ALA B 118 7.16 -6.55 8.67
CA ALA B 118 7.92 -6.61 7.42
C ALA B 118 9.24 -7.35 7.56
N MET B 119 9.88 -7.23 8.72
CA MET B 119 11.10 -8.00 9.02
C MET B 119 11.12 -8.32 10.49
N GLU B 120 12.03 -9.20 10.87
CA GLU B 120 12.32 -9.47 12.25
C GLU B 120 13.83 -9.60 12.40
N MET B 121 14.37 -8.90 13.38
CA MET B 121 15.77 -8.89 13.69
C MET B 121 16.04 -9.69 14.96
N HIS B 122 17.07 -10.53 14.89
CA HIS B 122 17.43 -11.43 15.99
C HIS B 122 18.85 -11.17 16.44
N ILE B 123 19.02 -10.80 17.71
CA ILE B 123 20.35 -10.69 18.26
C ILE B 123 20.54 -11.90 19.19
N VAL B 124 21.42 -12.81 18.76
CA VAL B 124 21.68 -14.09 19.42
C VAL B 124 22.81 -13.96 20.42
N HIS B 125 22.52 -14.32 21.66
CA HIS B 125 23.47 -14.31 22.77
C HIS B 125 23.57 -15.68 23.40
N GLU B 126 24.72 -15.93 24.03
CA GLU B 126 25.01 -17.21 24.68
C GLU B 126 25.21 -17.01 26.16
N LYS B 127 24.68 -17.93 26.94
CA LYS B 127 24.76 -17.84 28.38
C LYS B 127 26.18 -17.98 28.89
N GLU B 128 26.56 -17.08 29.79
CA GLU B 128 27.80 -17.20 30.53
C GLU B 128 27.63 -18.18 31.69
N LYS B 129 28.02 -19.43 31.46
CA LYS B 129 27.83 -20.46 32.47
C LYS B 129 29.01 -20.48 33.43
N GLY B 130 28.86 -21.20 34.54
CA GLY B 130 29.96 -21.50 35.46
C GLY B 130 30.42 -22.90 35.14
N THR B 131 31.38 -23.45 35.89
CA THR B 131 31.93 -24.78 35.59
C THR B 131 30.92 -25.94 35.69
N ASP B 140 23.47 -28.65 28.83
CA ASP B 140 22.97 -27.35 28.38
C ASP B 140 21.50 -27.13 28.75
N PRO B 141 21.18 -25.96 29.34
CA PRO B 141 19.83 -25.69 29.82
C PRO B 141 18.87 -25.24 28.70
N GLU B 142 17.59 -25.05 29.05
CA GLU B 142 16.58 -24.54 28.14
C GLU B 142 16.69 -23.02 27.93
N ASP B 143 17.67 -22.40 28.58
CA ASP B 143 17.92 -20.97 28.43
C ASP B 143 19.39 -20.66 28.10
N GLU B 144 20.05 -21.64 27.49
CA GLU B 144 21.43 -21.54 26.99
C GLU B 144 21.65 -20.34 26.06
N ILE B 145 20.64 -20.03 25.26
CA ILE B 145 20.71 -18.96 24.28
C ILE B 145 19.61 -17.95 24.60
N ALA B 146 19.95 -16.66 24.56
CA ALA B 146 18.93 -15.63 24.62
C ALA B 146 18.87 -14.92 23.28
N VAL B 147 17.70 -14.92 22.64
CA VAL B 147 17.53 -14.13 21.42
C VAL B 147 16.67 -12.90 21.72
N LEU B 148 17.19 -11.73 21.34
CA LEU B 148 16.44 -10.49 21.40
C LEU B 148 15.84 -10.28 20.01
N ALA B 149 14.51 -10.27 19.96
CA ALA B 149 13.79 -10.14 18.71
C ALA B 149 13.12 -8.77 18.61
N PHE B 150 13.41 -8.08 17.52
CA PHE B 150 12.83 -6.80 17.21
C PHE B 150 12.02 -6.88 15.92
N LEU B 151 10.81 -6.33 15.98
CA LEU B 151 9.92 -6.29 14.82
C LEU B 151 10.22 -5.01 14.00
N VAL B 152 10.12 -5.14 12.67
CA VAL B 152 10.42 -4.04 11.75
C VAL B 152 9.19 -3.73 10.87
N GLU B 153 8.81 -2.46 10.83
CA GLU B 153 7.71 -2.00 10.00
C GLU B 153 8.14 -0.82 9.13
N ALA B 154 7.44 -0.58 8.02
CA ALA B 154 7.77 0.55 7.17
C ALA B 154 7.58 1.88 7.91
N GLY B 155 8.54 2.78 7.73
CA GLY B 155 8.42 4.16 8.20
C GLY B 155 8.42 5.09 6.98
N THR B 156 8.14 6.36 7.21
CA THR B 156 8.20 7.39 6.15
C THR B 156 9.63 7.89 5.95
N GLN B 157 10.46 7.79 7.00
CA GLN B 157 11.83 8.32 7.01
C GLN B 157 12.86 7.21 6.73
N VAL B 158 14.00 7.60 6.18
CA VAL B 158 15.15 6.72 6.08
C VAL B 158 15.79 6.56 7.47
N ASN B 159 15.88 5.31 7.94
CA ASN B 159 16.53 5.01 9.19
C ASN B 159 18.04 5.04 8.98
N GLU B 160 18.65 6.16 9.34
CA GLU B 160 20.09 6.37 9.12
C GLU B 160 20.98 5.32 9.79
N GLY B 161 20.50 4.78 10.91
CA GLY B 161 21.22 3.75 11.65
C GLY B 161 21.46 2.48 10.85
N PHE B 162 20.53 2.19 9.95
CA PHE B 162 20.58 0.98 9.16
C PHE B 162 21.38 1.13 7.87
N GLN B 163 21.78 2.36 7.54
CA GLN B 163 22.47 2.60 6.29
C GLN B 163 23.78 1.80 6.12
N PRO B 164 24.66 1.75 7.08
CA PRO B 164 25.88 0.96 6.88
C PRO B 164 25.60 -0.53 6.59
N LEU B 165 24.56 -1.09 7.18
CA LEU B 165 24.25 -2.47 6.94
C LEU B 165 23.69 -2.68 5.55
N VAL B 166 22.71 -1.87 5.20
CA VAL B 166 22.04 -1.85 3.92
C VAL B 166 23.07 -1.72 2.77
N GLU B 167 23.99 -0.81 2.95
CA GLU B 167 25.04 -0.59 2.01
C GLU B 167 26.02 -1.73 1.89
N ALA B 168 26.22 -2.49 2.94
CA ALA B 168 27.14 -3.58 2.91
C ALA B 168 26.62 -4.75 2.13
N LEU B 169 25.31 -4.85 1.98
CA LEU B 169 24.68 -6.00 1.31
C LEU B 169 25.16 -6.21 -0.12
N SER B 170 25.42 -5.12 -0.86
CA SER B 170 25.94 -5.20 -2.24
C SER B 170 27.24 -6.00 -2.34
N ASN B 171 27.97 -6.08 -1.24
CA ASN B 171 29.24 -6.80 -1.18
C ASN B 171 29.13 -8.26 -0.77
N ILE B 172 27.93 -8.71 -0.39
CA ILE B 172 27.71 -10.11 0.00
C ILE B 172 26.48 -10.75 -0.69
N PRO B 173 26.34 -10.63 -2.04
CA PRO B 173 25.12 -11.09 -2.71
C PRO B 173 24.84 -12.58 -2.58
N LYS B 174 25.90 -13.39 -2.52
CA LYS B 174 25.78 -14.84 -2.57
C LYS B 174 26.35 -15.50 -1.30
N PRO B 175 25.94 -16.76 -1.03
CA PRO B 175 26.43 -17.43 0.20
C PRO B 175 27.96 -17.62 0.24
N GLU B 176 28.51 -17.62 1.47
CA GLU B 176 29.95 -17.68 1.73
C GLU B 176 30.67 -16.41 1.35
N MET B 177 29.93 -15.31 1.23
CA MET B 177 30.58 -14.03 0.98
C MET B 177 30.56 -13.23 2.25
N SER B 178 31.63 -12.45 2.44
CA SER B 178 31.89 -11.77 3.69
C SER B 178 32.38 -10.36 3.41
N THR B 179 32.02 -9.41 4.27
CA THR B 179 32.47 -8.02 4.11
C THR B 179 32.54 -7.27 5.43
N THR B 180 33.11 -6.06 5.38
CA THR B 180 33.22 -5.18 6.54
C THR B 180 32.28 -4.01 6.33
N MET B 181 31.38 -3.76 7.27
CA MET B 181 30.49 -2.61 7.16
C MET B 181 31.11 -1.38 7.82
N ALA B 182 30.72 -0.20 7.34
CA ALA B 182 31.22 1.07 7.87
C ALA B 182 30.93 1.20 9.38
N GLU B 183 31.69 2.07 10.05
CA GLU B 183 31.50 2.28 11.49
C GLU B 183 30.03 2.46 11.88
N SER B 184 29.59 1.69 12.87
CA SER B 184 28.23 1.76 13.36
C SER B 184 28.13 1.00 14.68
N SER B 185 27.08 1.27 15.43
CA SER B 185 26.86 0.58 16.69
C SER B 185 25.59 -0.20 16.59
N LEU B 186 25.40 -1.12 17.53
CA LEU B 186 24.17 -1.89 17.64
C LEU B 186 23.00 -1.00 18.05
N LEU B 187 23.29 0.05 18.80
CA LEU B 187 22.27 1.00 19.24
C LEU B 187 21.67 1.75 18.04
N ASP B 188 22.49 2.00 17.01
CA ASP B 188 22.02 2.57 15.73
C ASP B 188 20.86 1.80 15.11
N LEU B 189 20.86 0.47 15.28
CA LEU B 189 19.90 -0.42 14.63
C LEU B 189 18.59 -0.57 15.42
N LEU B 190 18.57 -0.14 16.67
CA LEU B 190 17.46 -0.45 17.58
C LEU B 190 16.56 0.75 17.88
N PRO B 191 15.37 0.52 18.46
CA PRO B 191 14.58 1.65 19.00
C PRO B 191 15.32 2.31 20.17
N LYS B 192 14.92 3.53 20.53
CA LYS B 192 15.50 4.20 21.70
C LYS B 192 15.39 3.28 22.92
N GLU B 193 16.47 3.20 23.71
CA GLU B 193 16.51 2.34 24.89
C GLU B 193 15.31 2.53 25.81
N GLU B 194 14.85 3.78 25.94
CA GLU B 194 13.70 4.13 26.79
C GLU B 194 12.44 3.35 26.38
N LYS B 195 12.33 3.03 25.11
CA LYS B 195 11.18 2.32 24.56
C LYS B 195 11.31 0.80 24.59
N LEU B 196 12.38 0.29 25.20
CA LEU B 196 12.61 -1.15 25.25
C LEU B 196 12.21 -1.76 26.61
N ARG B 197 11.41 -1.04 27.38
CA ARG B 197 10.92 -1.52 28.69
C ARG B 197 9.79 -2.56 28.59
N HIS B 198 9.01 -2.48 27.51
CA HIS B 198 7.90 -3.40 27.25
C HIS B 198 8.31 -4.52 26.29
N TYR B 199 8.29 -5.75 26.82
CA TYR B 199 8.67 -6.92 26.04
C TYR B 199 7.91 -8.19 26.47
N PHE B 200 7.84 -9.14 25.54
CA PHE B 200 7.24 -10.45 25.79
C PHE B 200 8.35 -11.48 26.00
N ARG B 201 8.04 -12.54 26.73
CA ARG B 201 9.04 -13.51 27.14
C ARG B 201 8.43 -14.91 27.17
N TYR B 202 9.12 -15.86 26.57
CA TYR B 202 8.74 -17.26 26.64
C TYR B 202 9.95 -18.15 26.34
N LEU B 203 9.82 -19.42 26.74
CA LEU B 203 10.86 -20.41 26.45
C LEU B 203 10.57 -21.12 25.12
N GLY B 204 11.59 -21.22 24.27
CA GLY B 204 11.41 -21.83 22.98
C GLY B 204 12.62 -22.47 22.35
N SER B 205 12.64 -22.44 21.02
CA SER B 205 13.68 -23.09 20.24
C SER B 205 14.34 -22.12 19.26
N LEU B 206 15.47 -22.57 18.67
CA LEU B 206 16.00 -21.95 17.46
C LEU B 206 15.03 -22.17 16.29
N THR B 207 15.05 -21.28 15.30
CA THR B 207 14.05 -21.31 14.22
C THR B 207 14.57 -21.90 12.88
N THR B 208 15.71 -22.58 12.96
CA THR B 208 16.25 -23.35 11.85
C THR B 208 16.80 -24.65 12.44
N PRO B 209 16.92 -25.72 11.64
CA PRO B 209 17.48 -26.97 12.19
C PRO B 209 18.89 -26.73 12.75
N THR B 210 19.26 -27.40 13.83
CA THR B 210 18.48 -28.50 14.45
C THR B 210 17.32 -28.09 15.40
N CYS B 211 16.91 -26.83 15.41
CA CYS B 211 15.79 -26.34 16.24
C CYS B 211 15.89 -26.69 17.75
N ASP B 212 17.10 -26.64 18.31
CA ASP B 212 17.28 -26.98 19.73
C ASP B 212 16.39 -26.14 20.63
N GLU B 213 15.78 -26.79 21.63
CA GLU B 213 14.91 -26.09 22.57
C GLU B 213 15.74 -25.60 23.76
N LYS B 214 16.55 -24.57 23.49
CA LYS B 214 17.40 -23.99 24.51
C LYS B 214 17.39 -22.45 24.45
N VAL B 215 16.30 -21.88 23.96
CA VAL B 215 16.23 -20.44 23.74
C VAL B 215 15.22 -19.78 24.70
N VAL B 216 15.71 -18.79 25.47
CA VAL B 216 14.83 -17.83 26.11
C VAL B 216 14.56 -16.67 25.12
N TRP B 217 13.29 -16.54 24.72
CA TRP B 217 12.88 -15.52 23.76
C TRP B 217 12.46 -14.25 24.44
N THR B 218 12.80 -13.13 23.82
CA THR B 218 12.36 -11.82 24.23
C THR B 218 11.95 -11.09 22.96
N VAL B 219 10.67 -10.68 22.88
CA VAL B 219 10.15 -9.96 21.71
C VAL B 219 9.71 -8.59 22.19
N PHE B 220 10.40 -7.57 21.71
CA PHE B 220 10.12 -6.21 22.15
C PHE B 220 8.87 -5.72 21.46
N ARG B 221 8.06 -4.97 22.20
CA ARG B 221 6.81 -4.46 21.70
C ARG B 221 7.02 -3.28 20.75
N GLU B 222 8.11 -2.54 20.97
CA GLU B 222 8.41 -1.37 20.16
C GLU B 222 9.06 -1.74 18.82
N PRO B 223 8.35 -1.48 17.71
CA PRO B 223 8.95 -1.84 16.42
C PRO B 223 10.05 -0.87 15.96
N ILE B 224 11.01 -1.39 15.20
CA ILE B 224 11.97 -0.58 14.44
C ILE B 224 11.25 -0.11 13.17
N GLN B 225 11.49 1.14 12.76
CA GLN B 225 10.95 1.62 11.50
C GLN B 225 12.05 1.81 10.48
N LEU B 226 11.89 1.20 9.31
CA LEU B 226 12.77 1.43 8.15
C LEU B 226 11.95 2.02 7.03
N HIS B 227 12.59 2.75 6.14
CA HIS B 227 11.96 3.14 4.90
C HIS B 227 11.66 1.86 4.09
N ARG B 228 10.55 1.83 3.35
CA ARG B 228 10.17 0.63 2.58
C ARG B 228 11.32 0.15 1.70
N GLU B 229 12.05 1.09 1.12
CA GLU B 229 13.13 0.77 0.21
C GLU B 229 14.38 0.22 0.88
N GLN B 230 14.57 0.55 2.16
CA GLN B 230 15.58 -0.09 2.99
C GLN B 230 15.23 -1.56 3.27
N ILE B 231 13.94 -1.82 3.47
CA ILE B 231 13.46 -3.19 3.67
C ILE B 231 13.58 -3.96 2.35
N LEU B 232 13.17 -3.34 1.26
CA LEU B 232 13.25 -3.97 -0.05
C LEU B 232 14.69 -4.24 -0.49
N ALA B 233 15.65 -3.43 -0.02
CA ALA B 233 17.07 -3.63 -0.35
C ALA B 233 17.56 -5.05 -0.03
N PHE B 234 16.99 -5.67 1.00
CA PHE B 234 17.39 -7.02 1.41
C PHE B 234 17.10 -8.07 0.34
N SER B 235 15.87 -8.13 -0.16
CA SER B 235 15.52 -9.03 -1.26
C SER B 235 16.04 -8.58 -2.63
N GLN B 236 16.41 -7.31 -2.76
CA GLN B 236 16.99 -6.84 -4.00
C GLN B 236 18.47 -7.18 -4.16
N LYS B 237 19.20 -7.29 -3.05
CA LYS B 237 20.66 -7.42 -3.05
C LYS B 237 21.19 -8.82 -2.76
N LEU B 238 20.34 -9.66 -2.18
CA LEU B 238 20.79 -10.93 -1.64
C LEU B 238 20.13 -12.11 -2.32
N TYR B 239 20.85 -13.23 -2.33
CA TYR B 239 20.38 -14.43 -3.02
C TYR B 239 20.66 -15.61 -2.11
N TYR B 240 19.80 -16.62 -2.19
CA TYR B 240 19.99 -17.86 -1.44
C TYR B 240 21.16 -18.72 -1.95
N ASP B 241 21.47 -18.60 -3.24
CA ASP B 241 22.29 -19.60 -3.92
C ASP B 241 23.49 -18.98 -4.64
N LYS B 242 24.55 -19.69 -4.82
CA LYS B 242 25.76 -19.18 -5.47
C LYS B 242 25.55 -18.99 -6.96
N GLU B 243 24.49 -19.57 -7.49
CA GLU B 243 24.16 -19.44 -8.90
C GLU B 243 23.39 -18.15 -9.15
N GLN B 244 22.99 -17.52 -8.10
CA GLN B 244 22.25 -16.25 -8.13
C GLN B 244 20.90 -16.37 -8.90
N THR B 245 20.17 -17.44 -8.65
CA THR B 245 18.87 -17.64 -9.30
C THR B 245 17.68 -17.27 -8.40
N VAL B 246 17.83 -17.41 -7.09
CA VAL B 246 16.72 -17.15 -6.14
C VAL B 246 17.02 -16.00 -5.17
N SER B 247 16.32 -14.88 -5.32
CA SER B 247 16.50 -13.75 -4.41
C SER B 247 16.14 -14.14 -2.97
N MET B 248 16.92 -13.65 -2.01
CA MET B 248 16.71 -14.02 -0.62
C MET B 248 15.55 -13.24 -0.01
N LYS B 249 14.47 -13.95 0.29
CA LYS B 249 13.28 -13.39 0.92
C LYS B 249 12.41 -14.55 1.44
N ASP B 250 11.47 -14.23 2.33
CA ASP B 250 10.66 -15.27 2.98
C ASP B 250 11.51 -16.37 3.61
N ASN B 251 12.67 -15.96 4.16
CA ASN B 251 13.49 -16.79 5.04
C ASN B 251 12.87 -16.86 6.44
N VAL B 252 11.67 -17.43 6.50
CA VAL B 252 10.82 -17.42 7.68
C VAL B 252 10.33 -18.84 7.98
N ARG B 253 10.53 -19.29 9.21
CA ARG B 253 9.90 -20.53 9.68
C ARG B 253 8.42 -20.32 10.01
N PRO B 254 7.53 -21.25 9.57
CA PRO B 254 6.10 -21.23 9.91
C PRO B 254 5.85 -21.19 11.42
N LEU B 255 4.70 -20.67 11.82
CA LEU B 255 4.35 -20.57 13.23
C LEU B 255 4.13 -21.93 13.90
N GLN B 256 4.61 -22.03 15.14
CA GLN B 256 4.52 -23.26 15.92
C GLN B 256 3.52 -23.08 17.05
N GLN B 257 3.01 -24.18 17.58
CA GLN B 257 2.00 -24.10 18.64
C GLN B 257 2.63 -23.92 20.01
N LEU B 258 2.02 -23.06 20.82
CA LEU B 258 2.46 -22.80 22.18
C LEU B 258 2.51 -24.07 23.04
N GLY B 259 1.52 -24.97 22.88
CA GLY B 259 1.44 -26.18 23.69
C GLY B 259 1.22 -25.90 25.17
N GLN B 260 2.06 -26.46 26.03
CA GLN B 260 1.96 -26.27 27.47
C GLN B 260 2.44 -24.89 27.98
N ARG B 261 3.14 -24.15 27.12
CA ARG B 261 3.82 -22.92 27.53
C ARG B 261 2.93 -21.70 27.78
N THR B 262 3.48 -20.76 28.54
CA THR B 262 2.84 -19.47 28.84
C THR B 262 3.73 -18.37 28.27
N VAL B 263 3.12 -17.31 27.76
CA VAL B 263 3.89 -16.09 27.43
C VAL B 263 3.64 -15.10 28.55
N ILE B 264 4.72 -14.49 29.02
CA ILE B 264 4.64 -13.45 30.02
C ILE B 264 5.16 -12.16 29.43
N LYS B 265 4.94 -11.07 30.13
CA LYS B 265 5.39 -9.76 29.67
C LYS B 265 5.83 -8.89 30.86
N SER B 266 6.67 -7.90 30.59
CA SER B 266 7.10 -6.93 31.58
C SER B 266 6.00 -5.91 31.82
N SER C 3 -8.69 -24.64 -15.35
CA SER C 3 -10.04 -25.30 -15.30
C SER C 3 -10.93 -24.55 -14.29
N HIS C 4 -11.47 -25.27 -13.31
CA HIS C 4 -12.39 -24.72 -12.31
C HIS C 4 -11.66 -24.37 -11.01
N TRP C 5 -12.29 -23.54 -10.16
CA TRP C 5 -11.65 -23.12 -8.91
C TRP C 5 -11.60 -24.25 -7.89
N CYS C 6 -10.53 -24.30 -7.13
CA CYS C 6 -10.37 -25.28 -6.08
C CYS C 6 -9.74 -24.60 -4.87
N TYR C 7 -9.75 -25.29 -3.74
CA TYR C 7 -8.90 -24.91 -2.61
C TYR C 7 -7.50 -25.47 -2.81
N GLU C 8 -6.52 -24.82 -2.18
CA GLU C 8 -5.12 -25.21 -2.36
C GLU C 8 -4.89 -26.72 -2.20
N VAL C 9 -5.50 -27.31 -1.16
CA VAL C 9 -5.29 -28.73 -0.84
C VAL C 9 -5.67 -29.67 -2.00
N GLN C 10 -6.63 -29.24 -2.83
CA GLN C 10 -7.09 -30.02 -3.97
C GLN C 10 -6.04 -30.07 -5.10
N ALA C 11 -5.34 -28.97 -5.31
CA ALA C 11 -4.28 -28.92 -6.32
C ALA C 11 -3.07 -29.74 -5.88
N GLU C 12 -2.78 -29.73 -4.57
CA GLU C 12 -1.66 -30.45 -4.00
C GLU C 12 -1.92 -31.95 -3.92
N SER C 13 -3.18 -32.36 -3.83
CA SER C 13 -3.52 -33.79 -3.66
C SER C 13 -3.88 -34.48 -4.97
N SER C 14 -3.91 -33.72 -6.05
CA SER C 14 -4.43 -34.24 -7.31
C SER C 14 -3.61 -33.74 -8.50
N ASN C 15 -3.56 -34.55 -9.54
CA ASN C 15 -2.91 -34.18 -10.80
C ASN C 15 -3.82 -33.32 -11.67
N TYR C 16 -5.11 -33.31 -11.31
CA TYR C 16 -6.12 -32.60 -12.07
C TYR C 16 -5.96 -31.08 -11.92
N PRO C 17 -5.82 -30.36 -13.06
CA PRO C 17 -5.62 -28.91 -13.04
C PRO C 17 -6.86 -28.14 -12.57
N CYS C 18 -6.63 -27.14 -11.71
CA CYS C 18 -7.68 -26.32 -11.11
C CYS C 18 -7.10 -24.98 -10.62
N LEU C 19 -7.95 -23.95 -10.54
CA LEU C 19 -7.52 -22.61 -10.10
C LEU C 19 -7.45 -22.49 -8.59
N VAL C 20 -6.23 -22.35 -8.08
CA VAL C 20 -5.97 -22.25 -6.64
C VAL C 20 -6.28 -20.83 -6.14
N PRO C 21 -6.51 -20.68 -4.82
CA PRO C 21 -6.94 -19.37 -4.31
C PRO C 21 -6.13 -18.15 -4.79
N VAL C 22 -4.80 -18.22 -4.85
CA VAL C 22 -4.01 -17.08 -5.33
C VAL C 22 -4.31 -16.71 -6.80
N LYS C 23 -4.86 -17.67 -7.54
CA LYS C 23 -5.16 -17.50 -8.97
C LYS C 23 -6.65 -17.31 -9.28
N TRP C 24 -7.49 -17.23 -8.27
CA TRP C 24 -8.93 -17.00 -8.46
C TRP C 24 -9.23 -15.72 -9.25
N GLY C 25 -10.15 -15.82 -10.20
CA GLY C 25 -10.57 -14.67 -11.00
C GLY C 25 -11.76 -13.95 -10.42
N GLY C 26 -12.62 -13.42 -11.28
CA GLY C 26 -13.79 -12.68 -10.84
C GLY C 26 -13.41 -11.45 -10.04
N ASN C 27 -14.08 -11.26 -8.78
CA ASN C 27 -13.75 -10.11 -7.95
C ASN C 27 -12.77 -10.43 -6.83
N CYS C 28 -12.15 -11.61 -6.94
CA CYS C 28 -11.32 -12.18 -5.88
C CYS C 28 -9.96 -11.49 -5.67
N GLN C 29 -9.55 -10.64 -6.61
CA GLN C 29 -8.29 -9.90 -6.47
C GLN C 29 -8.54 -8.41 -6.24
N LYS C 30 -9.77 -8.06 -5.84
CA LYS C 30 -10.09 -6.68 -5.50
C LYS C 30 -9.71 -6.37 -4.04
N ASP C 31 -10.14 -5.22 -3.52
CA ASP C 31 -9.55 -4.69 -2.28
C ASP C 31 -10.35 -4.82 -0.98
N ARG C 32 -11.56 -5.35 -1.05
CA ARG C 32 -12.41 -5.47 0.14
C ARG C 32 -12.84 -6.93 0.35
N GLN C 33 -11.84 -7.79 0.48
CA GLN C 33 -12.03 -9.22 0.46
C GLN C 33 -12.07 -9.82 1.88
N SER C 34 -12.59 -11.04 1.98
CA SER C 34 -12.72 -11.82 3.21
C SER C 34 -12.17 -13.22 2.94
N PRO C 35 -11.77 -13.96 3.99
CA PRO C 35 -11.81 -13.62 5.42
C PRO C 35 -10.65 -12.75 5.86
N ILE C 36 -10.69 -12.28 7.11
CA ILE C 36 -9.61 -11.47 7.64
C ILE C 36 -9.21 -11.97 9.01
N ASN C 37 -8.04 -11.53 9.47
CA ASN C 37 -7.67 -11.57 10.87
C ASN C 37 -8.27 -10.39 11.63
N ILE C 38 -8.88 -10.66 12.77
CA ILE C 38 -9.43 -9.58 13.59
C ILE C 38 -8.56 -9.35 14.82
N VAL C 39 -7.92 -8.18 14.85
CA VAL C 39 -7.21 -7.71 16.04
C VAL C 39 -8.26 -7.13 16.98
N THR C 40 -8.64 -7.92 17.98
CA THR C 40 -9.78 -7.63 18.85
C THR C 40 -9.69 -6.28 19.58
N THR C 41 -8.50 -5.89 20.04
CA THR C 41 -8.33 -4.60 20.75
C THR C 41 -8.40 -3.40 19.81
N LYS C 42 -8.20 -3.65 18.51
CA LYS C 42 -8.29 -2.59 17.50
C LYS C 42 -9.69 -2.42 16.94
N ALA C 43 -10.58 -3.38 17.19
CA ALA C 43 -11.99 -3.21 16.81
C ALA C 43 -12.63 -2.24 17.79
N LYS C 44 -13.12 -1.11 17.26
CA LYS C 44 -13.71 -0.06 18.09
C LYS C 44 -15.18 -0.38 18.37
N VAL C 45 -15.58 -0.25 19.63
CA VAL C 45 -16.96 -0.49 20.04
C VAL C 45 -17.92 0.49 19.36
N ASP C 46 -18.96 -0.03 18.72
CA ASP C 46 -20.02 0.80 18.15
C ASP C 46 -21.34 0.53 18.91
N LYS C 47 -21.86 1.59 19.53
CA LYS C 47 -23.05 1.52 20.37
C LYS C 47 -24.37 1.37 19.59
N LYS C 48 -24.33 1.58 18.27
CA LYS C 48 -25.50 1.33 17.42
C LYS C 48 -25.69 -0.16 17.07
N LEU C 49 -24.73 -1.01 17.44
CA LEU C 49 -24.88 -2.45 17.30
C LEU C 49 -25.64 -3.00 18.52
N GLY C 50 -26.84 -3.49 18.29
CA GLY C 50 -27.64 -4.10 19.36
C GLY C 50 -27.64 -5.61 19.22
N ARG C 51 -28.44 -6.28 20.05
CA ARG C 51 -28.59 -7.72 19.96
C ARG C 51 -29.24 -8.11 18.63
N PHE C 52 -28.96 -9.33 18.17
CA PHE C 52 -29.69 -9.92 17.06
C PHE C 52 -31.06 -10.43 17.49
N PHE C 53 -32.01 -10.38 16.56
CA PHE C 53 -33.27 -11.10 16.72
C PHE C 53 -33.33 -12.24 15.70
N PHE C 54 -33.54 -13.45 16.20
CA PHE C 54 -33.61 -14.64 15.37
C PHE C 54 -35.06 -15.06 15.22
N SER C 55 -35.47 -15.39 14.00
CA SER C 55 -36.83 -15.83 13.74
C SER C 55 -36.74 -17.16 13.01
N GLY C 56 -37.54 -18.14 13.44
CA GLY C 56 -37.49 -19.48 12.87
C GLY C 56 -36.24 -20.30 13.21
N TYR C 57 -35.39 -19.77 14.09
CA TYR C 57 -34.20 -20.50 14.54
C TYR C 57 -34.52 -21.60 15.58
N ASP C 58 -35.63 -21.46 16.32
CA ASP C 58 -36.02 -22.44 17.36
C ASP C 58 -36.92 -23.57 16.83
N LYS C 59 -37.52 -23.40 15.64
CA LYS C 59 -38.45 -24.41 15.08
C LYS C 59 -37.69 -25.67 14.67
N LYS C 60 -38.23 -26.84 15.03
CA LYS C 60 -37.66 -28.11 14.60
C LYS C 60 -38.04 -28.38 13.15
N GLN C 61 -37.07 -28.82 12.36
CA GLN C 61 -37.20 -28.93 10.92
C GLN C 61 -36.43 -30.16 10.48
N THR C 62 -36.86 -30.80 9.39
CA THR C 62 -36.04 -31.84 8.75
C THR C 62 -35.32 -31.21 7.56
N TRP C 63 -34.03 -30.95 7.71
CA TRP C 63 -33.30 -30.18 6.70
C TRP C 63 -32.64 -31.11 5.69
N THR C 64 -32.60 -30.66 4.44
CA THR C 64 -31.83 -31.32 3.40
C THR C 64 -30.39 -30.84 3.51
N VAL C 65 -29.44 -31.77 3.58
CA VAL C 65 -28.01 -31.40 3.52
C VAL C 65 -27.34 -32.01 2.29
N GLN C 66 -26.56 -31.23 1.56
CA GLN C 66 -25.91 -31.73 0.34
C GLN C 66 -24.40 -31.52 0.35
N ASN C 67 -23.67 -32.39 -0.34
CA ASN C 67 -22.25 -32.19 -0.61
C ASN C 67 -22.14 -31.56 -2.00
N ASN C 68 -21.63 -30.32 -2.07
CA ASN C 68 -21.50 -29.64 -3.36
C ASN C 68 -20.09 -29.65 -3.95
N GLY C 69 -19.19 -30.40 -3.34
CA GLY C 69 -17.85 -30.54 -3.89
C GLY C 69 -16.90 -29.51 -3.31
N HIS C 70 -17.45 -28.61 -2.51
CA HIS C 70 -16.67 -27.57 -1.88
C HIS C 70 -16.83 -27.66 -0.37
N SER C 71 -18.05 -27.97 0.06
CA SER C 71 -18.39 -28.14 1.45
C SER C 71 -19.69 -28.97 1.58
N VAL C 72 -20.22 -29.05 2.80
CA VAL C 72 -21.59 -29.52 3.03
C VAL C 72 -22.47 -28.34 3.37
N MET C 73 -23.70 -28.36 2.86
CA MET C 73 -24.58 -27.21 2.92
C MET C 73 -26.01 -27.65 3.19
N MET C 74 -26.63 -26.99 4.16
CA MET C 74 -28.08 -27.10 4.40
C MET C 74 -28.80 -25.98 3.68
N LEU C 75 -29.89 -26.33 3.01
CA LEU C 75 -30.76 -25.39 2.32
C LEU C 75 -31.85 -24.92 3.29
N LEU C 76 -31.90 -23.61 3.52
CA LEU C 76 -32.76 -23.08 4.58
C LEU C 76 -34.12 -22.56 4.10
N GLU C 77 -34.23 -22.36 2.79
CA GLU C 77 -35.48 -22.05 2.10
C GLU C 77 -36.30 -20.93 2.74
N ASN C 78 -35.67 -19.85 3.20
CA ASN C 78 -36.39 -18.72 3.80
C ASN C 78 -37.26 -19.13 5.00
N LYS C 79 -36.91 -20.23 5.67
CA LYS C 79 -37.69 -20.67 6.82
C LYS C 79 -37.13 -20.09 8.11
N ALA C 80 -36.16 -19.27 8.10
CA ALA C 80 -35.58 -18.50 9.19
C ALA C 80 -35.15 -17.13 8.69
N SER C 81 -35.04 -16.18 9.62
CA SER C 81 -34.59 -14.84 9.25
C SER C 81 -33.99 -14.14 10.46
N ILE C 82 -33.30 -13.03 10.21
CA ILE C 82 -32.65 -12.27 11.25
C ILE C 82 -32.96 -10.77 11.11
N SER C 83 -32.95 -10.06 12.23
CA SER C 83 -32.95 -8.60 12.26
C SER C 83 -32.16 -8.14 13.49
N GLY C 84 -32.09 -6.84 13.72
CA GLY C 84 -31.23 -6.31 14.76
C GLY C 84 -29.78 -6.50 14.36
N GLY C 85 -28.92 -6.73 15.36
CA GLY C 85 -27.48 -6.83 15.13
C GLY C 85 -26.92 -5.68 14.32
N GLY C 86 -27.56 -4.51 14.43
CA GLY C 86 -27.20 -3.33 13.64
C GLY C 86 -27.35 -3.50 12.13
N LEU C 87 -28.16 -4.46 11.71
CA LEU C 87 -28.41 -4.66 10.29
C LEU C 87 -29.44 -3.63 9.81
N PRO C 88 -29.29 -3.14 8.57
CA PRO C 88 -30.20 -2.10 8.07
C PRO C 88 -31.63 -2.56 7.76
N ALA C 89 -31.86 -3.86 7.69
CA ALA C 89 -33.14 -4.42 7.28
C ALA C 89 -33.22 -5.86 7.78
N PRO C 90 -34.39 -6.52 7.67
CA PRO C 90 -34.33 -7.96 7.95
C PRO C 90 -33.70 -8.75 6.80
N TYR C 91 -33.01 -9.86 7.13
CA TYR C 91 -32.39 -10.74 6.15
C TYR C 91 -32.93 -12.16 6.26
N GLN C 92 -33.26 -12.75 5.11
CA GLN C 92 -33.76 -14.12 5.05
C GLN C 92 -32.65 -15.18 4.91
N ALA C 93 -32.77 -16.24 5.71
CA ALA C 93 -31.79 -17.36 5.70
C ALA C 93 -31.87 -18.17 4.39
N LYS C 94 -30.73 -18.34 3.72
CA LYS C 94 -30.67 -19.07 2.45
C LYS C 94 -30.02 -20.43 2.59
N GLN C 95 -28.92 -20.49 3.36
CA GLN C 95 -28.11 -21.70 3.46
C GLN C 95 -27.20 -21.61 4.66
N LEU C 96 -26.84 -22.78 5.18
CA LEU C 96 -25.81 -22.93 6.20
C LEU C 96 -24.75 -23.89 5.64
N HIS C 97 -23.47 -23.55 5.80
CA HIS C 97 -22.39 -24.48 5.44
C HIS C 97 -21.24 -24.29 6.40
N LEU C 98 -20.17 -25.07 6.22
CA LEU C 98 -19.02 -25.02 7.13
C LEU C 98 -17.69 -25.03 6.38
N HIS C 99 -16.64 -24.54 7.03
CA HIS C 99 -15.28 -24.76 6.56
C HIS C 99 -14.53 -25.41 7.71
N TRP C 100 -13.56 -26.27 7.40
CA TRP C 100 -12.87 -27.00 8.47
C TRP C 100 -11.50 -27.54 8.07
N SER C 101 -10.76 -28.02 9.07
CA SER C 101 -9.51 -28.74 8.85
C SER C 101 -9.61 -30.00 9.70
N ASP C 102 -8.47 -30.60 10.07
CA ASP C 102 -8.48 -31.76 10.95
C ASP C 102 -7.52 -31.59 12.14
N LEU C 103 -7.19 -30.33 12.41
CA LEU C 103 -6.28 -29.92 13.47
C LEU C 103 -6.97 -28.90 14.38
N PRO C 104 -6.67 -28.91 15.69
CA PRO C 104 -7.31 -28.00 16.65
C PRO C 104 -7.08 -26.53 16.32
N TYR C 105 -5.93 -26.24 15.68
CA TYR C 105 -5.39 -24.89 15.54
C TYR C 105 -5.61 -24.25 14.16
N LYS C 106 -6.32 -24.94 13.27
CA LYS C 106 -6.71 -24.35 12.01
C LYS C 106 -8.03 -24.94 11.54
N GLY C 107 -8.67 -24.27 10.59
CA GLY C 107 -9.94 -24.73 10.03
C GLY C 107 -10.93 -23.60 9.82
N SER C 108 -10.83 -22.57 10.65
CA SER C 108 -11.68 -21.39 10.49
C SER C 108 -11.17 -20.51 9.34
N GLU C 109 -12.06 -19.71 8.74
CA GLU C 109 -11.59 -18.79 7.71
C GLU C 109 -11.07 -17.50 8.36
N HIS C 110 -11.87 -16.95 9.27
CA HIS C 110 -11.43 -15.83 10.08
C HIS C 110 -10.53 -16.32 11.20
N SER C 111 -9.69 -15.44 11.71
CA SER C 111 -8.98 -15.66 12.97
C SER C 111 -9.20 -14.48 13.93
N LEU C 112 -9.11 -14.75 15.24
CA LEU C 112 -9.15 -13.68 16.25
C LEU C 112 -7.80 -13.57 16.93
N ASP C 113 -7.19 -12.38 16.84
CA ASP C 113 -5.83 -12.16 17.34
C ASP C 113 -4.85 -13.25 16.91
N GLY C 114 -4.98 -13.70 15.67
CA GLY C 114 -4.11 -14.74 15.13
C GLY C 114 -4.48 -16.16 15.49
N GLU C 115 -5.55 -16.33 16.27
CA GLU C 115 -6.05 -17.67 16.61
C GLU C 115 -7.08 -18.15 15.60
N HIS C 116 -6.75 -19.26 14.93
CA HIS C 116 -7.71 -19.95 14.08
C HIS C 116 -8.37 -21.05 14.89
N PHE C 117 -9.63 -21.33 14.56
CA PHE C 117 -10.39 -22.35 15.25
C PHE C 117 -10.49 -23.58 14.37
N ALA C 118 -11.05 -24.66 14.88
CA ALA C 118 -11.14 -25.95 14.17
C ALA C 118 -12.11 -25.95 12.97
N MET C 119 -13.20 -25.20 13.07
CA MET C 119 -14.17 -25.04 11.97
C MET C 119 -14.71 -23.63 12.00
N GLU C 120 -15.41 -23.26 10.94
CA GLU C 120 -16.16 -22.04 10.94
C GLU C 120 -17.49 -22.36 10.24
N MET C 121 -18.58 -22.04 10.91
CA MET C 121 -19.92 -22.20 10.34
C MET C 121 -20.44 -20.89 9.79
N HIS C 122 -21.01 -20.91 8.60
CA HIS C 122 -21.54 -19.70 7.96
C HIS C 122 -23.03 -19.83 7.66
N ILE C 123 -23.83 -18.92 8.20
CA ILE C 123 -25.25 -18.85 7.88
C ILE C 123 -25.50 -17.66 6.97
N VAL C 124 -25.82 -17.97 5.72
CA VAL C 124 -25.91 -16.96 4.64
C VAL C 124 -27.34 -16.45 4.54
N HIS C 125 -27.51 -15.13 4.67
CA HIS C 125 -28.81 -14.48 4.57
C HIS C 125 -28.81 -13.46 3.45
N GLU C 126 -29.97 -13.22 2.86
CA GLU C 126 -30.08 -12.14 1.91
C GLU C 126 -31.10 -11.10 2.36
N LYS C 127 -30.80 -9.83 2.07
CA LYS C 127 -31.66 -8.72 2.42
C LYS C 127 -33.06 -8.90 1.80
N GLU C 128 -34.08 -8.73 2.63
CA GLU C 128 -35.45 -8.95 2.17
C GLU C 128 -35.87 -7.83 1.22
N LYS C 129 -36.41 -8.23 0.08
CA LYS C 129 -36.89 -7.35 -0.98
C LYS C 129 -37.81 -6.25 -0.44
N GLY C 130 -37.49 -5.00 -0.77
CA GLY C 130 -38.31 -3.84 -0.39
C GLY C 130 -38.34 -3.45 1.09
N THR C 131 -37.39 -3.96 1.88
CA THR C 131 -37.44 -3.72 3.32
C THR C 131 -36.35 -2.74 3.81
N SER C 132 -35.51 -2.28 2.89
CA SER C 132 -34.54 -1.21 3.18
C SER C 132 -35.34 0.04 3.49
N ARG C 133 -34.90 0.78 4.50
CA ARG C 133 -35.71 1.90 4.96
C ARG C 133 -35.61 3.11 4.03
N ASN C 134 -34.53 3.21 3.28
CA ASN C 134 -34.33 4.37 2.40
C ASN C 134 -33.68 3.97 1.07
N VAL C 135 -33.77 4.86 0.09
CA VAL C 135 -33.32 4.61 -1.27
C VAL C 135 -31.83 4.26 -1.29
N LYS C 136 -31.01 5.06 -0.58
CA LYS C 136 -29.57 4.83 -0.52
C LYS C 136 -29.21 3.43 0.00
N GLU C 137 -29.97 2.93 0.97
CA GLU C 137 -29.76 1.56 1.46
C GLU C 137 -30.23 0.49 0.45
N ALA C 138 -31.38 0.72 -0.17
CA ALA C 138 -31.89 -0.21 -1.19
C ALA C 138 -30.83 -0.46 -2.28
N GLN C 139 -30.11 0.60 -2.66
CA GLN C 139 -29.12 0.55 -3.72
C GLN C 139 -27.69 0.25 -3.26
N ASP C 140 -27.54 -0.08 -1.97
CA ASP C 140 -26.23 -0.38 -1.39
C ASP C 140 -25.78 -1.79 -1.81
N PRO C 141 -24.75 -1.87 -2.68
CA PRO C 141 -24.30 -3.19 -3.16
C PRO C 141 -23.51 -3.97 -2.12
N GLU C 142 -23.01 -3.29 -1.08
CA GLU C 142 -22.02 -3.84 -0.16
C GLU C 142 -22.59 -4.72 0.95
N ASP C 143 -23.89 -4.65 1.17
CA ASP C 143 -24.52 -5.38 2.26
C ASP C 143 -25.78 -6.14 1.83
N GLU C 144 -25.82 -6.50 0.55
CA GLU C 144 -26.85 -7.38 0.01
C GLU C 144 -26.95 -8.71 0.76
N ILE C 145 -25.80 -9.22 1.20
CA ILE C 145 -25.73 -10.54 1.88
C ILE C 145 -25.24 -10.35 3.32
N ALA C 146 -25.88 -11.01 4.27
CA ALA C 146 -25.38 -11.05 5.64
C ALA C 146 -24.96 -12.46 6.00
N VAL C 147 -23.67 -12.64 6.23
CA VAL C 147 -23.20 -13.96 6.68
C VAL C 147 -22.96 -13.91 8.19
N LEU C 148 -23.62 -14.81 8.92
CA LEU C 148 -23.32 -15.01 10.33
C LEU C 148 -22.23 -16.05 10.48
N ALA C 149 -21.13 -15.69 11.15
CA ALA C 149 -19.98 -16.58 11.24
C ALA C 149 -19.77 -17.05 12.67
N PHE C 150 -19.72 -18.37 12.85
CA PHE C 150 -19.53 -18.96 14.15
C PHE C 150 -18.27 -19.77 14.14
N LEU C 151 -17.42 -19.54 15.13
CA LEU C 151 -16.19 -20.30 15.27
C LEU C 151 -16.43 -21.59 16.05
N VAL C 152 -15.75 -22.66 15.70
CA VAL C 152 -15.97 -23.95 16.37
C VAL C 152 -14.67 -24.43 17.00
N GLU C 153 -14.73 -24.84 18.27
CA GLU C 153 -13.59 -25.50 18.90
C GLU C 153 -13.94 -26.88 19.47
N ALA C 154 -12.90 -27.70 19.64
CA ALA C 154 -13.03 -29.02 20.25
C ALA C 154 -13.32 -28.92 21.75
N GLY C 155 -14.29 -29.70 22.20
CA GLY C 155 -14.60 -29.88 23.62
C GLY C 155 -14.65 -31.35 23.97
N THR C 156 -15.03 -31.63 25.21
CA THR C 156 -15.06 -32.98 25.73
C THR C 156 -16.39 -33.62 25.40
N GLN C 157 -17.45 -32.81 25.44
CA GLN C 157 -18.80 -33.35 25.35
C GLN C 157 -19.25 -33.45 23.90
N VAL C 158 -19.95 -34.54 23.59
CA VAL C 158 -20.64 -34.65 22.32
C VAL C 158 -21.68 -33.53 22.30
N ASN C 159 -21.62 -32.66 21.31
CA ASN C 159 -22.66 -31.67 21.10
C ASN C 159 -23.85 -32.37 20.44
N GLU C 160 -24.87 -32.67 21.24
CA GLU C 160 -26.04 -33.41 20.76
C GLU C 160 -26.83 -32.67 19.68
N GLY C 161 -26.78 -31.34 19.71
CA GLY C 161 -27.43 -30.53 18.69
C GLY C 161 -26.88 -30.75 17.29
N PHE C 162 -25.60 -31.12 17.21
CA PHE C 162 -24.91 -31.33 15.93
C PHE C 162 -25.05 -32.76 15.38
N GLN C 163 -25.57 -33.66 16.20
CA GLN C 163 -25.65 -35.07 15.80
C GLN C 163 -26.51 -35.39 14.56
N PRO C 164 -27.69 -34.75 14.38
CA PRO C 164 -28.37 -34.96 13.10
C PRO C 164 -27.47 -34.63 11.92
N LEU C 165 -26.82 -33.48 11.95
CA LEU C 165 -25.89 -33.09 10.88
C LEU C 165 -24.71 -34.07 10.73
N VAL C 166 -24.09 -34.44 11.85
CA VAL C 166 -22.91 -35.30 11.83
C VAL C 166 -23.23 -36.69 11.28
N GLU C 167 -24.35 -37.26 11.72
CA GLU C 167 -24.76 -38.59 11.27
C GLU C 167 -25.20 -38.59 9.79
N ALA C 168 -25.64 -37.43 9.30
CA ALA C 168 -26.08 -37.31 7.92
C ALA C 168 -24.92 -37.31 6.92
N LEU C 169 -23.72 -36.93 7.38
CA LEU C 169 -22.52 -36.94 6.54
C LEU C 169 -22.17 -38.31 5.93
N SER C 170 -22.46 -39.39 6.67
CA SER C 170 -22.28 -40.76 6.15
C SER C 170 -22.99 -41.02 4.81
N ASN C 171 -24.08 -40.29 4.59
CA ASN C 171 -24.95 -40.49 3.43
C ASN C 171 -24.60 -39.61 2.23
N ILE C 172 -23.75 -38.61 2.45
CA ILE C 172 -23.33 -37.72 1.35
C ILE C 172 -21.78 -37.66 1.10
N PRO C 173 -21.11 -38.82 0.95
CA PRO C 173 -19.64 -38.78 0.83
C PRO C 173 -19.12 -38.08 -0.45
N LYS C 174 -19.91 -38.08 -1.52
CA LYS C 174 -19.42 -37.55 -2.81
C LYS C 174 -20.18 -36.28 -3.17
N PRO C 175 -19.58 -35.41 -4.00
CA PRO C 175 -20.28 -34.23 -4.56
C PRO C 175 -21.60 -34.59 -5.25
N GLU C 176 -22.54 -33.65 -5.27
CA GLU C 176 -23.87 -33.83 -5.86
C GLU C 176 -24.67 -34.96 -5.20
N MET C 177 -24.37 -35.23 -3.93
CA MET C 177 -25.22 -36.11 -3.11
C MET C 177 -26.00 -35.29 -2.07
N SER C 178 -27.23 -35.70 -1.76
CA SER C 178 -27.94 -35.09 -0.63
C SER C 178 -28.71 -36.11 0.21
N THR C 179 -29.05 -35.71 1.44
CA THR C 179 -29.78 -36.59 2.35
C THR C 179 -30.65 -35.71 3.25
N THR C 180 -31.69 -36.29 3.84
CA THR C 180 -32.50 -35.58 4.81
C THR C 180 -31.88 -35.78 6.21
N MET C 181 -31.87 -34.72 7.00
CA MET C 181 -31.42 -34.80 8.39
C MET C 181 -32.57 -35.16 9.32
N ALA C 182 -32.23 -35.79 10.45
CA ALA C 182 -33.18 -35.95 11.55
C ALA C 182 -33.66 -34.59 12.05
N GLU C 183 -34.83 -34.58 12.67
CA GLU C 183 -35.43 -33.37 13.22
C GLU C 183 -34.41 -32.57 14.04
N SER C 184 -34.24 -31.30 13.70
CA SER C 184 -33.33 -30.42 14.41
C SER C 184 -33.66 -28.96 14.13
N SER C 185 -33.16 -28.07 14.97
CA SER C 185 -33.33 -26.64 14.75
C SER C 185 -31.98 -25.97 14.46
N LEU C 186 -32.02 -24.73 14.01
CA LEU C 186 -30.80 -23.93 13.86
C LEU C 186 -30.18 -23.61 15.20
N LEU C 187 -31.03 -23.34 16.19
CA LEU C 187 -30.59 -23.09 17.57
C LEU C 187 -29.77 -24.25 18.14
N ASP C 188 -30.15 -25.47 17.76
CA ASP C 188 -29.42 -26.67 18.12
C ASP C 188 -27.93 -26.60 17.76
N LEU C 189 -27.62 -25.80 16.74
CA LEU C 189 -26.27 -25.71 16.21
C LEU C 189 -25.49 -24.54 16.80
N LEU C 190 -26.17 -23.67 17.54
CA LEU C 190 -25.55 -22.44 17.98
C LEU C 190 -25.15 -22.44 19.46
N PRO C 191 -24.22 -21.53 19.84
CA PRO C 191 -24.04 -21.30 21.28
C PRO C 191 -25.33 -20.76 21.86
N LYS C 192 -25.48 -20.80 23.18
CA LYS C 192 -26.61 -20.19 23.88
C LYS C 192 -26.83 -18.78 23.37
N GLU C 193 -28.06 -18.46 23.02
CA GLU C 193 -28.43 -17.16 22.42
C GLU C 193 -28.00 -15.97 23.26
N GLU C 194 -28.04 -16.15 24.58
CA GLU C 194 -27.59 -15.18 25.57
C GLU C 194 -26.14 -14.80 25.36
N LYS C 195 -25.34 -15.74 24.87
CA LYS C 195 -23.90 -15.54 24.73
C LYS C 195 -23.52 -14.97 23.37
N LEU C 196 -24.53 -14.57 22.58
CA LEU C 196 -24.29 -14.00 21.27
C LEU C 196 -24.36 -12.47 21.27
N ARG C 197 -24.26 -11.87 22.45
CA ARG C 197 -24.26 -10.42 22.57
C ARG C 197 -22.98 -9.79 22.01
N HIS C 198 -21.85 -10.48 22.19
CA HIS C 198 -20.54 -9.99 21.74
C HIS C 198 -20.16 -10.49 20.34
N TYR C 199 -20.12 -9.56 19.38
CA TYR C 199 -19.70 -9.89 18.02
C TYR C 199 -18.85 -8.81 17.35
N PHE C 200 -18.18 -9.22 16.28
CA PHE C 200 -17.40 -8.31 15.46
C PHE C 200 -18.12 -8.15 14.13
N ARG C 201 -17.94 -6.98 13.52
CA ARG C 201 -18.67 -6.56 12.31
C ARG C 201 -17.73 -5.87 11.36
N TYR C 202 -17.74 -6.28 10.10
CA TYR C 202 -17.04 -5.52 9.04
C TYR C 202 -17.65 -5.81 7.67
N LEU C 203 -17.34 -4.98 6.68
CA LEU C 203 -17.84 -5.16 5.32
C LEU C 203 -16.78 -5.83 4.45
N GLY C 204 -17.17 -6.91 3.77
CA GLY C 204 -16.25 -7.66 2.94
C GLY C 204 -16.93 -8.37 1.79
N SER C 205 -16.45 -9.59 1.54
CA SER C 205 -16.83 -10.36 0.35
C SER C 205 -17.27 -11.80 0.66
N LEU C 206 -17.81 -12.48 -0.35
CA LEU C 206 -17.91 -13.92 -0.32
C LEU C 206 -16.50 -14.52 -0.43
N THR C 207 -16.32 -15.71 0.12
CA THR C 207 -14.97 -16.30 0.23
C THR C 207 -14.73 -17.44 -0.77
N THR C 208 -15.58 -17.52 -1.80
CA THR C 208 -15.33 -18.40 -2.94
C THR C 208 -15.58 -17.56 -4.20
N PRO C 209 -15.02 -17.96 -5.35
CA PRO C 209 -15.33 -17.18 -6.57
C PRO C 209 -16.85 -17.10 -6.85
N THR C 210 -17.34 -15.96 -7.38
CA THR C 210 -16.52 -14.82 -7.83
C THR C 210 -16.14 -13.78 -6.75
N CYS C 211 -16.35 -14.11 -5.47
CA CYS C 211 -15.93 -13.27 -4.33
C CYS C 211 -16.54 -11.86 -4.33
N ASP C 212 -17.83 -11.76 -4.67
CA ASP C 212 -18.48 -10.46 -4.77
C ASP C 212 -18.39 -9.71 -3.44
N GLU C 213 -18.12 -8.41 -3.55
CA GLU C 213 -17.97 -7.56 -2.39
C GLU C 213 -19.33 -7.02 -1.99
N LYS C 214 -20.15 -7.92 -1.45
CA LYS C 214 -21.54 -7.60 -1.14
C LYS C 214 -22.00 -8.16 0.21
N VAL C 215 -21.04 -8.52 1.05
CA VAL C 215 -21.33 -9.15 2.34
C VAL C 215 -21.05 -8.25 3.53
N VAL C 216 -22.09 -8.08 4.37
CA VAL C 216 -21.93 -7.55 5.72
C VAL C 216 -21.62 -8.74 6.63
N TRP C 217 -20.41 -8.77 7.16
CA TRP C 217 -19.92 -9.90 7.97
C TRP C 217 -20.18 -9.71 9.46
N THR C 218 -20.48 -10.83 10.12
CA THR C 218 -20.62 -10.85 11.57
C THR C 218 -19.86 -12.07 12.05
N VAL C 219 -18.98 -11.86 13.02
CA VAL C 219 -18.21 -12.96 13.60
C VAL C 219 -18.50 -12.94 15.08
N PHE C 220 -19.09 -14.02 15.57
CA PHE C 220 -19.43 -14.11 16.97
C PHE C 220 -18.21 -14.48 17.83
N ARG C 221 -18.07 -13.80 18.97
CA ARG C 221 -16.94 -14.03 19.87
CA ARG C 221 -16.94 -14.04 19.85
C ARG C 221 -17.01 -15.40 20.55
N GLU C 222 -18.23 -15.84 20.87
CA GLU C 222 -18.44 -17.14 21.53
C GLU C 222 -18.38 -18.31 20.54
N PRO C 223 -17.47 -19.26 20.75
CA PRO C 223 -17.39 -20.41 19.86
C PRO C 223 -18.43 -21.49 20.18
N ILE C 224 -18.78 -22.26 19.16
CA ILE C 224 -19.50 -23.52 19.30
C ILE C 224 -18.51 -24.58 19.79
N GLN C 225 -18.96 -25.49 20.65
CA GLN C 225 -18.13 -26.60 21.10
C GLN C 225 -18.61 -27.95 20.55
N LEU C 226 -17.72 -28.62 19.85
CA LEU C 226 -17.91 -29.97 19.35
C LEU C 226 -16.85 -30.91 19.93
N HIS C 227 -17.22 -32.17 20.16
CA HIS C 227 -16.25 -33.22 20.43
C HIS C 227 -15.28 -33.31 19.25
N ARG C 228 -14.01 -33.61 19.53
CA ARG C 228 -13.03 -33.67 18.44
CA ARG C 228 -12.99 -33.75 18.49
C ARG C 228 -13.46 -34.69 17.38
N GLU C 229 -14.11 -35.76 17.78
CA GLU C 229 -14.52 -36.80 16.83
C GLU C 229 -15.68 -36.34 15.93
N GLN C 230 -16.50 -35.41 16.43
CA GLN C 230 -17.56 -34.78 15.62
C GLN C 230 -16.96 -33.93 14.51
N ILE C 231 -15.90 -33.19 14.85
CA ILE C 231 -15.19 -32.35 13.88
C ILE C 231 -14.51 -33.23 12.83
N LEU C 232 -13.86 -34.28 13.33
CA LEU C 232 -13.11 -35.21 12.50
C LEU C 232 -13.99 -36.02 11.56
N ALA C 233 -15.25 -36.25 11.93
CA ALA C 233 -16.23 -36.88 11.06
C ALA C 233 -16.33 -36.20 9.69
N PHE C 234 -16.26 -34.87 9.66
CA PHE C 234 -16.32 -34.15 8.39
C PHE C 234 -15.23 -34.62 7.42
N SER C 235 -13.96 -34.61 7.84
CA SER C 235 -12.86 -35.07 6.97
C SER C 235 -12.82 -36.60 6.77
N GLN C 236 -13.35 -37.37 7.72
CA GLN C 236 -13.32 -38.84 7.60
C GLN C 236 -14.40 -39.36 6.65
N LYS C 237 -15.52 -38.66 6.55
CA LYS C 237 -16.67 -39.17 5.80
C LYS C 237 -16.80 -38.59 4.39
N LEU C 238 -16.19 -37.43 4.15
CA LEU C 238 -16.49 -36.58 2.99
C LEU C 238 -15.30 -36.47 2.03
N TYR C 239 -15.61 -36.36 0.74
CA TYR C 239 -14.60 -36.22 -0.29
C TYR C 239 -14.96 -35.06 -1.21
N TYR C 240 -13.94 -34.41 -1.74
CA TYR C 240 -14.11 -33.39 -2.76
C TYR C 240 -14.56 -33.95 -4.11
N ASP C 241 -14.24 -35.22 -4.41
CA ASP C 241 -14.45 -35.75 -5.75
C ASP C 241 -15.29 -37.04 -5.77
N LYS C 242 -15.86 -37.36 -6.92
CA LYS C 242 -16.67 -38.54 -7.12
C LYS C 242 -15.88 -39.83 -6.95
N GLU C 243 -14.59 -39.80 -7.31
CA GLU C 243 -13.66 -40.93 -7.20
C GLU C 243 -13.16 -41.20 -5.78
N GLN C 244 -13.45 -40.28 -4.87
CA GLN C 244 -13.10 -40.34 -3.48
C GLN C 244 -11.62 -40.52 -3.27
N THR C 245 -10.82 -39.69 -3.88
CA THR C 245 -9.37 -39.72 -3.69
C THR C 245 -8.89 -38.58 -2.77
N VAL C 246 -9.68 -37.52 -2.63
CA VAL C 246 -9.31 -36.38 -1.80
C VAL C 246 -10.36 -36.16 -0.72
N SER C 247 -10.01 -36.54 0.51
CA SER C 247 -10.86 -36.28 1.67
C SER C 247 -11.14 -34.79 1.77
N MET C 248 -12.37 -34.44 2.13
CA MET C 248 -12.75 -33.02 2.25
C MET C 248 -12.30 -32.39 3.56
N LYS C 249 -11.37 -31.44 3.45
CA LYS C 249 -10.79 -30.74 4.59
C LYS C 249 -9.99 -29.58 4.03
N ASP C 250 -9.71 -28.59 4.88
CA ASP C 250 -8.97 -27.38 4.46
C ASP C 250 -9.70 -26.68 3.30
N ASN C 251 -11.03 -26.70 3.38
CA ASN C 251 -11.86 -25.95 2.46
C ASN C 251 -11.98 -24.51 2.93
N VAL C 252 -10.82 -23.86 2.96
CA VAL C 252 -10.61 -22.59 3.65
C VAL C 252 -9.89 -21.65 2.70
N ARG C 253 -10.44 -20.44 2.54
CA ARG C 253 -9.75 -19.40 1.78
C ARG C 253 -8.66 -18.73 2.64
N PRO C 254 -7.46 -18.53 2.08
CA PRO C 254 -6.41 -17.86 2.84
C PRO C 254 -6.82 -16.44 3.26
N LEU C 255 -6.13 -15.93 4.28
CA LEU C 255 -6.44 -14.63 4.84
C LEU C 255 -6.17 -13.49 3.86
N GLN C 256 -7.07 -12.51 3.88
CA GLN C 256 -6.98 -11.31 3.07
C GLN C 256 -6.65 -10.11 3.95
N GLN C 257 -6.05 -9.09 3.35
CA GLN C 257 -5.71 -7.85 4.05
C GLN C 257 -6.94 -6.98 4.33
N LEU C 258 -6.94 -6.36 5.49
CA LEU C 258 -8.03 -5.49 5.90
C LEU C 258 -8.11 -4.23 5.03
N GLY C 259 -6.96 -3.70 4.63
CA GLY C 259 -6.91 -2.50 3.80
C GLY C 259 -7.41 -1.29 4.54
N GLN C 260 -8.16 -0.43 3.85
CA GLN C 260 -8.67 0.82 4.44
C GLN C 260 -9.89 0.66 5.36
N ARG C 261 -10.44 -0.54 5.41
CA ARG C 261 -11.62 -0.85 6.21
C ARG C 261 -11.38 -0.79 7.71
N THR C 262 -12.47 -0.62 8.46
CA THR C 262 -12.50 -0.72 9.91
C THR C 262 -13.35 -1.94 10.32
N VAL C 263 -12.95 -2.60 11.39
CA VAL C 263 -13.77 -3.61 12.04
C VAL C 263 -14.33 -2.97 13.32
N ILE C 264 -15.62 -3.16 13.58
CA ILE C 264 -16.25 -2.67 14.80
C ILE C 264 -16.81 -3.82 15.64
N LYS C 265 -17.18 -3.53 16.89
CA LYS C 265 -17.71 -4.55 17.78
C LYS C 265 -18.85 -4.05 18.67
N SER C 266 -19.70 -4.97 19.10
CA SER C 266 -20.84 -4.65 19.97
C SER C 266 -20.34 -4.42 21.40
N HIS D 4 14.64 28.74 12.11
CA HIS D 4 15.42 27.58 11.58
C HIS D 4 14.70 26.91 10.39
N TRP D 5 13.37 26.89 10.36
CA TRP D 5 12.67 26.28 9.20
C TRP D 5 12.69 27.16 7.94
N CYS D 6 12.94 26.51 6.81
CA CYS D 6 12.98 27.23 5.54
C CYS D 6 12.39 26.40 4.40
N TYR D 7 12.18 27.07 3.26
CA TYR D 7 11.87 26.39 2.02
C TYR D 7 13.18 26.04 1.32
N GLU D 8 13.12 25.01 0.47
CA GLU D 8 14.31 24.49 -0.22
C GLU D 8 15.15 25.57 -0.94
N VAL D 9 14.47 26.50 -1.63
CA VAL D 9 15.14 27.58 -2.36
C VAL D 9 16.02 28.48 -1.46
N GLN D 10 15.58 28.70 -0.21
CA GLN D 10 16.39 29.47 0.76
C GLN D 10 17.71 28.77 1.14
N ALA D 11 17.64 27.45 1.35
CA ALA D 11 18.84 26.67 1.69
C ALA D 11 19.86 26.65 0.56
N GLU D 12 19.37 26.60 -0.67
CA GLU D 12 20.20 26.57 -1.87
C GLU D 12 20.85 27.92 -2.17
N SER D 13 20.13 28.99 -1.87
CA SER D 13 20.58 30.35 -2.17
C SER D 13 21.40 30.99 -1.04
N SER D 14 21.71 30.21 0.00
CA SER D 14 22.37 30.77 1.18
C SER D 14 23.34 29.80 1.87
N ASN D 15 24.37 30.38 2.50
CA ASN D 15 25.35 29.60 3.27
C ASN D 15 24.87 29.23 4.67
N TYR D 16 23.85 29.93 5.17
CA TYR D 16 23.41 29.78 6.55
C TYR D 16 22.44 28.60 6.72
N PRO D 17 22.71 27.73 7.72
CA PRO D 17 21.92 26.52 7.97
C PRO D 17 20.43 26.74 8.24
N CYS D 18 19.60 25.90 7.63
CA CYS D 18 18.17 25.90 7.91
C CYS D 18 17.53 24.54 7.61
N LEU D 19 16.37 24.28 8.24
CA LEU D 19 15.67 23.02 8.02
C LEU D 19 14.81 23.10 6.77
N VAL D 20 15.25 22.39 5.74
CA VAL D 20 14.47 22.23 4.50
C VAL D 20 13.23 21.36 4.76
N PRO D 21 12.24 21.42 3.85
CA PRO D 21 10.98 20.69 4.10
C PRO D 21 11.10 19.19 4.43
N VAL D 22 12.05 18.46 3.84
CA VAL D 22 12.16 17.01 4.16
C VAL D 22 12.73 16.79 5.56
N LYS D 23 13.26 17.87 6.14
CA LYS D 23 13.85 17.84 7.46
C LYS D 23 13.03 18.58 8.53
N TRP D 24 11.84 19.07 8.19
CA TRP D 24 10.92 19.71 9.14
C TRP D 24 10.54 18.80 10.31
N GLY D 25 10.49 19.37 11.51
CA GLY D 25 10.08 18.64 12.70
C GLY D 25 8.60 18.74 12.99
N GLY D 26 8.21 18.76 14.26
CA GLY D 26 6.81 18.82 14.64
C GLY D 26 6.02 17.63 14.15
N ASN D 27 4.85 17.85 13.59
CA ASN D 27 4.04 16.78 13.05
C ASN D 27 4.22 16.61 11.55
N CYS D 28 5.24 17.26 11.02
CA CYS D 28 5.47 17.36 9.59
C CYS D 28 5.86 16.02 8.93
N GLN D 29 6.31 15.05 9.71
CA GLN D 29 6.62 13.73 9.15
C GLN D 29 5.48 12.70 9.37
N LYS D 30 4.30 13.17 9.77
CA LYS D 30 3.17 12.28 10.04
C LYS D 30 2.32 12.00 8.78
N ASP D 31 1.19 11.30 8.95
CA ASP D 31 0.47 10.60 7.86
C ASP D 31 -0.69 11.33 7.17
N ARG D 32 -1.08 12.49 7.70
CA ARG D 32 -2.23 13.17 7.14
C ARG D 32 -1.83 14.60 6.79
N GLN D 33 -0.85 14.70 5.89
CA GLN D 33 -0.20 15.97 5.60
C GLN D 33 -0.79 16.61 4.38
N SER D 34 -0.69 17.93 4.32
CA SER D 34 -1.03 18.69 3.13
C SER D 34 0.20 19.45 2.63
N PRO D 35 0.22 19.86 1.34
CA PRO D 35 -0.77 19.77 0.24
C PRO D 35 -0.73 18.42 -0.45
N ILE D 36 -1.73 18.16 -1.30
CA ILE D 36 -1.81 16.91 -2.07
C ILE D 36 -2.15 17.19 -3.50
N ASN D 37 -1.92 16.19 -4.34
CA ASN D 37 -2.54 16.14 -5.66
C ASN D 37 -3.98 15.69 -5.51
N ILE D 38 -4.89 16.34 -6.21
CA ILE D 38 -6.28 15.95 -6.24
C ILE D 38 -6.63 15.36 -7.61
N VAL D 39 -6.97 14.08 -7.63
CA VAL D 39 -7.46 13.46 -8.84
C VAL D 39 -8.96 13.74 -8.92
N THR D 40 -9.32 14.74 -9.72
CA THR D 40 -10.67 15.31 -9.66
C THR D 40 -11.76 14.28 -10.00
N THR D 41 -11.49 13.39 -10.96
CA THR D 41 -12.46 12.35 -11.33
C THR D 41 -12.59 11.22 -10.29
N LYS D 42 -11.67 11.15 -9.33
CA LYS D 42 -11.76 10.13 -8.27
C LYS D 42 -12.39 10.64 -6.98
N ALA D 43 -12.49 11.95 -6.81
CA ALA D 43 -13.24 12.50 -5.67
C ALA D 43 -14.71 12.25 -5.92
N LYS D 44 -15.40 11.67 -4.93
CA LYS D 44 -16.82 11.41 -5.08
C LYS D 44 -17.64 12.60 -4.61
N VAL D 45 -18.72 12.87 -5.33
CA VAL D 45 -19.66 13.90 -4.98
C VAL D 45 -20.28 13.60 -3.62
N ASP D 46 -20.23 14.57 -2.72
CA ASP D 46 -20.96 14.50 -1.48
C ASP D 46 -22.09 15.54 -1.51
N LYS D 47 -23.33 15.07 -1.43
CA LYS D 47 -24.48 15.98 -1.56
C LYS D 47 -24.59 16.96 -0.39
N LYS D 48 -24.02 16.59 0.74
CA LYS D 48 -23.97 17.46 1.92
C LYS D 48 -23.13 18.73 1.72
N LEU D 49 -22.37 18.79 0.64
CA LEU D 49 -21.51 19.93 0.38
C LEU D 49 -22.22 21.07 -0.36
N GLY D 50 -22.87 21.94 0.40
CA GLY D 50 -23.63 23.07 -0.17
C GLY D 50 -22.77 24.27 -0.50
N ARG D 51 -23.38 25.33 -1.00
CA ARG D 51 -22.68 26.56 -1.33
CA ARG D 51 -22.61 26.51 -1.34
C ARG D 51 -22.11 27.27 -0.10
N PHE D 52 -21.04 28.04 -0.29
CA PHE D 52 -20.49 28.84 0.79
C PHE D 52 -21.29 30.12 0.90
N PHE D 53 -21.43 30.62 2.13
CA PHE D 53 -21.95 31.94 2.37
C PHE D 53 -20.85 32.77 2.99
N PHE D 54 -20.64 33.95 2.41
CA PHE D 54 -19.56 34.83 2.80
C PHE D 54 -20.11 36.04 3.56
N SER D 55 -19.36 36.46 4.56
CA SER D 55 -19.70 37.63 5.34
C SER D 55 -18.46 38.50 5.48
N GLY D 56 -18.61 39.78 5.18
CA GLY D 56 -17.51 40.75 5.21
C GLY D 56 -16.58 40.66 4.02
N TYR D 57 -16.94 39.84 3.02
CA TYR D 57 -16.09 39.63 1.84
C TYR D 57 -16.33 40.69 0.79
N ASP D 58 -17.50 41.31 0.85
CA ASP D 58 -17.92 42.30 -0.13
C ASP D 58 -17.51 43.72 0.27
N LYS D 59 -17.40 43.99 1.57
CA LYS D 59 -17.18 45.37 1.97
C LYS D 59 -15.75 45.83 1.78
N LYS D 60 -15.62 47.09 1.40
CA LYS D 60 -14.33 47.69 1.13
C LYS D 60 -13.59 47.99 2.44
N GLN D 61 -12.32 47.62 2.49
CA GLN D 61 -11.47 47.86 3.67
C GLN D 61 -10.11 48.34 3.17
N THR D 62 -9.36 49.00 4.06
CA THR D 62 -7.94 49.26 3.79
C THR D 62 -7.15 48.25 4.62
N TRP D 63 -6.85 47.11 4.02
CA TRP D 63 -6.23 45.99 4.72
C TRP D 63 -4.75 46.22 4.99
N THR D 64 -4.28 45.73 6.13
CA THR D 64 -2.85 45.68 6.39
C THR D 64 -2.30 44.42 5.78
N VAL D 65 -1.23 44.58 4.99
CA VAL D 65 -0.47 43.48 4.42
C VAL D 65 0.98 43.59 4.91
N GLN D 66 1.56 42.47 5.30
CA GLN D 66 2.90 42.42 5.88
C GLN D 66 3.73 41.30 5.24
N ASN D 67 5.04 41.48 5.29
CA ASN D 67 6.01 40.49 4.85
C ASN D 67 6.50 39.80 6.12
N ASN D 68 6.19 38.52 6.28
CA ASN D 68 6.58 37.78 7.48
C ASN D 68 7.83 36.91 7.29
N GLY D 69 8.56 37.12 6.19
CA GLY D 69 9.76 36.34 5.89
C GLY D 69 9.52 35.00 5.20
N HIS D 70 8.25 34.60 5.10
CA HIS D 70 7.88 33.34 4.42
C HIS D 70 6.92 33.64 3.27
N SER D 71 6.12 34.68 3.43
CA SER D 71 5.12 35.09 2.44
C SER D 71 4.69 36.51 2.74
N VAL D 72 3.73 37.00 1.96
CA VAL D 72 2.98 38.21 2.30
C VAL D 72 1.59 37.79 2.80
N MET D 73 1.08 38.53 3.77
CA MET D 73 -0.11 38.17 4.53
C MET D 73 -0.93 39.41 4.83
N MET D 74 -2.19 39.41 4.37
CA MET D 74 -3.19 40.38 4.78
C MET D 74 -3.77 39.97 6.12
N LEU D 75 -3.80 40.91 7.06
CA LEU D 75 -4.36 40.69 8.40
C LEU D 75 -5.86 40.95 8.41
N LEU D 76 -6.65 39.88 8.59
CA LEU D 76 -8.10 39.96 8.44
C LEU D 76 -8.87 40.28 9.73
N GLU D 77 -8.27 39.95 10.87
CA GLU D 77 -8.73 40.44 12.18
C GLU D 77 -10.23 40.20 12.47
N ASN D 78 -10.76 38.99 12.07
CA ASN D 78 -12.15 38.62 12.34
C ASN D 78 -13.17 39.50 11.61
N LYS D 79 -12.73 40.29 10.63
CA LYS D 79 -13.65 41.22 9.97
C LYS D 79 -14.41 40.55 8.84
N ALA D 80 -14.24 39.30 8.66
CA ALA D 80 -14.98 38.48 7.70
C ALA D 80 -15.19 37.07 8.23
N SER D 81 -16.18 36.39 7.68
CA SER D 81 -16.47 35.01 8.08
C SER D 81 -17.23 34.27 6.99
N ILE D 82 -17.32 32.96 7.18
CA ILE D 82 -17.92 32.09 6.20
C ILE D 82 -18.82 31.09 6.90
N SER D 83 -19.90 30.67 6.22
CA SER D 83 -20.69 29.53 6.66
C SER D 83 -21.11 28.69 5.43
N GLY D 84 -21.94 27.67 5.65
CA GLY D 84 -22.25 26.69 4.59
C GLY D 84 -20.98 25.93 4.22
N GLY D 85 -20.85 25.56 2.95
CA GLY D 85 -19.65 24.85 2.48
C GLY D 85 -19.42 23.47 3.10
N GLY D 86 -20.50 22.86 3.59
CA GLY D 86 -20.42 21.59 4.29
C GLY D 86 -19.77 21.67 5.66
N LEU D 87 -19.55 22.88 6.16
CA LEU D 87 -18.83 23.07 7.42
C LEU D 87 -19.77 23.04 8.63
N PRO D 88 -19.28 22.52 9.76
CA PRO D 88 -20.12 22.25 10.94
C PRO D 88 -20.38 23.48 11.81
N ALA D 89 -19.67 24.57 11.55
CA ALA D 89 -19.80 25.84 12.27
C ALA D 89 -19.46 26.96 11.30
N PRO D 90 -19.82 28.20 11.62
CA PRO D 90 -19.22 29.29 10.84
C PRO D 90 -17.75 29.42 11.23
N TYR D 91 -16.94 30.01 10.35
CA TYR D 91 -15.52 30.20 10.63
C TYR D 91 -15.16 31.69 10.42
N GLN D 92 -14.32 32.23 11.31
CA GLN D 92 -13.92 33.65 11.25
C GLN D 92 -12.58 33.79 10.54
N ALA D 93 -12.52 34.72 9.59
CA ALA D 93 -11.29 34.93 8.80
C ALA D 93 -10.17 35.53 9.65
N LYS D 94 -8.98 34.95 9.55
CA LYS D 94 -7.82 35.43 10.30
C LYS D 94 -6.78 36.14 9.41
N GLN D 95 -6.46 35.51 8.29
CA GLN D 95 -5.41 35.99 7.37
C GLN D 95 -5.57 35.43 5.95
N LEU D 96 -4.98 36.15 5.00
CA LEU D 96 -4.89 35.70 3.62
C LEU D 96 -3.43 35.80 3.21
N HIS D 97 -2.85 34.72 2.69
CA HIS D 97 -1.48 34.77 2.21
C HIS D 97 -1.37 34.00 0.91
N LEU D 98 -0.20 34.05 0.30
CA LEU D 98 -0.06 33.37 -0.98
C LEU D 98 1.19 32.51 -1.01
N HIS D 99 1.24 31.62 -2.00
CA HIS D 99 2.43 30.81 -2.31
C HIS D 99 2.63 31.00 -3.80
N TRP D 100 3.87 31.08 -4.27
CA TRP D 100 4.12 31.36 -5.70
C TRP D 100 5.49 30.93 -6.17
N SER D 101 5.67 30.96 -7.50
CA SER D 101 6.96 30.77 -8.14
C SER D 101 7.16 31.94 -9.14
N ASP D 102 8.02 31.77 -10.13
CA ASP D 102 8.14 32.77 -11.20
C ASP D 102 7.96 32.16 -12.59
N LEU D 103 7.46 30.93 -12.62
CA LEU D 103 7.13 30.20 -13.84
C LEU D 103 5.63 29.83 -13.80
N PRO D 104 4.93 29.93 -14.95
CA PRO D 104 3.46 29.77 -14.98
C PRO D 104 2.99 28.38 -14.59
N TYR D 105 3.85 27.38 -14.72
CA TYR D 105 3.46 25.98 -14.46
C TYR D 105 3.78 25.46 -13.05
N LYS D 106 4.28 26.32 -12.17
CA LYS D 106 4.47 25.96 -10.78
C LYS D 106 4.24 27.17 -9.84
N GLY D 107 4.07 26.89 -8.55
CA GLY D 107 3.82 27.94 -7.58
C GLY D 107 2.67 27.66 -6.63
N SER D 108 1.75 26.77 -7.02
CA SER D 108 0.69 26.36 -6.08
C SER D 108 1.20 25.20 -5.21
N GLU D 109 0.57 25.00 -4.06
CA GLU D 109 0.91 23.89 -3.19
C GLU D 109 0.18 22.62 -3.62
N HIS D 110 -1.13 22.74 -3.79
CA HIS D 110 -1.95 21.67 -4.35
C HIS D 110 -1.80 21.64 -5.87
N SER D 111 -2.08 20.46 -6.42
CA SER D 111 -2.23 20.27 -7.86
C SER D 111 -3.60 19.64 -8.14
N LEU D 112 -4.20 20.02 -9.26
CA LEU D 112 -5.42 19.38 -9.74
C LEU D 112 -5.06 18.53 -10.94
N ASP D 113 -5.21 17.22 -10.79
CA ASP D 113 -4.88 16.28 -11.87
C ASP D 113 -3.45 16.47 -12.38
N GLY D 114 -2.52 16.70 -11.45
CA GLY D 114 -1.10 16.80 -11.75
C GLY D 114 -0.70 18.16 -12.27
N GLU D 115 -1.68 19.04 -12.43
CA GLU D 115 -1.44 20.37 -12.91
C GLU D 115 -1.16 21.30 -11.72
N HIS D 116 -0.01 21.97 -11.73
CA HIS D 116 0.28 22.99 -10.74
C HIS D 116 -0.08 24.34 -11.36
N PHE D 117 -0.29 25.33 -10.51
CA PHE D 117 -0.68 26.65 -10.99
C PHE D 117 0.36 27.69 -10.57
N ALA D 118 0.21 28.94 -11.03
CA ALA D 118 1.26 29.94 -10.87
C ALA D 118 1.34 30.46 -9.45
N MET D 119 0.22 30.35 -8.73
CA MET D 119 0.16 30.74 -7.33
C MET D 119 -0.95 29.96 -6.65
N GLU D 120 -0.96 30.02 -5.32
CA GLU D 120 -2.10 29.53 -4.57
C GLU D 120 -2.33 30.51 -3.44
N MET D 121 -3.58 30.95 -3.31
CA MET D 121 -3.98 31.85 -2.25
C MET D 121 -4.71 31.08 -1.16
N HIS D 122 -4.34 31.34 0.09
CA HIS D 122 -4.95 30.71 1.25
C HIS D 122 -5.61 31.69 2.18
N ILE D 123 -6.93 31.53 2.39
CA ILE D 123 -7.64 32.29 3.41
C ILE D 123 -7.90 31.38 4.63
N VAL D 124 -7.23 31.71 5.73
CA VAL D 124 -7.25 30.92 6.95
C VAL D 124 -8.35 31.44 7.84
N HIS D 125 -9.24 30.52 8.23
CA HIS D 125 -10.34 30.80 9.11
C HIS D 125 -10.25 29.86 10.30
N GLU D 126 -10.86 30.28 11.41
CA GLU D 126 -10.89 29.49 12.61
C GLU D 126 -12.34 29.20 13.01
N LYS D 127 -12.59 27.98 13.50
CA LYS D 127 -13.92 27.57 13.92
C LYS D 127 -14.45 28.45 15.07
N GLU D 128 -15.68 28.94 14.93
CA GLU D 128 -16.25 29.86 15.92
C GLU D 128 -16.75 29.09 17.14
N LYS D 129 -16.21 29.43 18.30
CA LYS D 129 -16.62 28.82 19.55
C LYS D 129 -18.11 28.93 19.81
N GLY D 130 -18.70 27.83 20.26
CA GLY D 130 -20.06 27.81 20.72
C GLY D 130 -21.08 27.93 19.61
N THR D 131 -20.64 27.74 18.37
CA THR D 131 -21.49 27.92 17.20
C THR D 131 -21.61 26.67 16.32
N SER D 132 -21.00 25.56 16.75
CA SER D 132 -21.11 24.31 15.99
C SER D 132 -22.52 23.73 16.13
N ARG D 133 -22.95 22.94 15.15
CA ARG D 133 -24.30 22.33 15.23
C ARG D 133 -24.46 21.36 16.41
N ASN D 134 -23.41 20.62 16.76
CA ASN D 134 -23.39 19.86 18.03
C ASN D 134 -22.03 19.93 18.74
N VAL D 135 -21.99 19.43 19.97
CA VAL D 135 -20.78 19.48 20.83
C VAL D 135 -19.62 18.68 20.23
N LYS D 136 -19.93 17.46 19.75
CA LYS D 136 -18.93 16.63 19.06
C LYS D 136 -18.19 17.39 17.94
N GLU D 137 -18.94 18.14 17.13
CA GLU D 137 -18.35 18.95 16.07
C GLU D 137 -17.60 20.14 16.63
N ALA D 138 -18.07 20.67 17.75
CA ALA D 138 -17.39 21.78 18.44
C ALA D 138 -16.02 21.33 18.93
N GLN D 139 -15.95 20.13 19.48
CA GLN D 139 -14.71 19.60 20.08
C GLN D 139 -13.71 18.93 19.10
N ASP D 140 -14.13 18.69 17.86
CA ASP D 140 -13.29 17.99 16.89
C ASP D 140 -12.01 18.80 16.60
N PRO D 141 -10.81 18.21 16.93
CA PRO D 141 -9.54 18.92 16.70
C PRO D 141 -9.13 19.00 15.23
N GLU D 142 -9.62 18.05 14.42
CA GLU D 142 -9.23 17.92 13.00
C GLU D 142 -9.65 19.05 12.06
N ASP D 143 -10.66 19.82 12.46
CA ASP D 143 -11.16 20.94 11.63
C ASP D 143 -11.27 22.28 12.37
N GLU D 144 -10.40 22.48 13.35
CA GLU D 144 -10.30 23.76 14.04
C GLU D 144 -10.06 24.93 13.08
N ILE D 145 -9.31 24.65 12.01
CA ILE D 145 -8.97 25.64 11.00
C ILE D 145 -9.60 25.26 9.66
N ALA D 146 -10.23 26.22 8.98
CA ALA D 146 -10.61 26.04 7.58
C ALA D 146 -9.78 26.98 6.72
N VAL D 147 -9.06 26.39 5.76
CA VAL D 147 -8.34 27.16 4.74
C VAL D 147 -9.09 27.02 3.42
N LEU D 148 -9.46 28.16 2.85
CA LEU D 148 -10.02 28.20 1.50
C LEU D 148 -8.85 28.44 0.56
N ALA D 149 -8.65 27.53 -0.39
CA ALA D 149 -7.48 27.57 -1.27
C ALA D 149 -7.96 27.91 -2.65
N PHE D 150 -7.35 28.93 -3.26
CA PHE D 150 -7.66 29.27 -4.64
C PHE D 150 -6.40 29.17 -5.47
N LEU D 151 -6.54 28.58 -6.66
CA LEU D 151 -5.43 28.46 -7.59
C LEU D 151 -5.40 29.66 -8.53
N VAL D 152 -4.20 30.14 -8.83
CA VAL D 152 -4.06 31.32 -9.65
C VAL D 152 -3.44 30.90 -10.98
N GLU D 153 -4.08 31.30 -12.06
CA GLU D 153 -3.61 30.95 -13.41
C GLU D 153 -2.91 32.16 -14.04
N ALA D 154 -1.70 31.93 -14.57
CA ALA D 154 -0.97 32.99 -15.26
C ALA D 154 -1.62 33.26 -16.62
N GLY D 155 -1.91 34.52 -16.88
CA GLY D 155 -2.39 34.95 -18.19
C GLY D 155 -1.69 36.19 -18.71
N THR D 156 -2.36 36.92 -19.58
CA THR D 156 -1.79 38.13 -20.17
C THR D 156 -2.76 39.32 -20.00
N GLN D 157 -3.78 39.17 -19.16
CA GLN D 157 -4.68 40.30 -18.78
C GLN D 157 -4.47 40.78 -17.33
N VAL D 158 -4.49 42.09 -17.11
CA VAL D 158 -4.37 42.66 -15.78
C VAL D 158 -5.70 42.50 -15.04
N ASN D 159 -5.67 41.77 -13.91
CA ASN D 159 -6.84 41.62 -13.04
C ASN D 159 -6.93 42.84 -12.11
N GLU D 160 -7.87 43.73 -12.40
CA GLU D 160 -7.96 44.99 -11.63
C GLU D 160 -8.22 44.78 -10.12
N GLY D 161 -8.91 43.71 -9.76
CA GLY D 161 -9.22 43.41 -8.36
C GLY D 161 -7.98 43.22 -7.50
N PHE D 162 -6.92 42.71 -8.11
CA PHE D 162 -5.64 42.48 -7.43
C PHE D 162 -4.66 43.65 -7.37
N GLN D 163 -4.98 44.78 -8.01
CA GLN D 163 -4.00 45.87 -8.11
C GLN D 163 -3.62 46.54 -6.79
N PRO D 164 -4.60 46.72 -5.86
CA PRO D 164 -4.28 47.24 -4.53
C PRO D 164 -3.25 46.41 -3.76
N LEU D 165 -3.34 45.08 -3.84
CA LEU D 165 -2.34 44.19 -3.23
C LEU D 165 -1.00 44.25 -3.96
N VAL D 166 -1.01 44.08 -5.28
CA VAL D 166 0.24 44.12 -6.06
C VAL D 166 0.99 45.43 -5.83
N GLU D 167 0.24 46.54 -5.82
CA GLU D 167 0.86 47.86 -5.68
C GLU D 167 1.48 48.07 -4.30
N ALA D 168 0.87 47.49 -3.28
CA ALA D 168 1.37 47.57 -1.91
C ALA D 168 2.69 46.81 -1.68
N LEU D 169 2.98 45.83 -2.53
CA LEU D 169 4.17 44.97 -2.35
C LEU D 169 5.48 45.75 -2.36
N SER D 170 5.56 46.81 -3.19
CA SER D 170 6.72 47.71 -3.20
C SER D 170 7.07 48.31 -1.82
N ASN D 171 6.07 48.43 -0.94
CA ASN D 171 6.26 49.02 0.37
C ASN D 171 6.75 48.03 1.44
N ILE D 172 6.72 46.73 1.15
CA ILE D 172 7.11 45.69 2.10
C ILE D 172 8.21 44.69 1.65
N PRO D 173 9.34 45.20 1.11
CA PRO D 173 10.28 44.25 0.47
C PRO D 173 10.98 43.28 1.43
N LYS D 174 11.15 43.68 2.69
CA LYS D 174 11.87 42.86 3.68
C LYS D 174 10.95 42.31 4.74
N PRO D 175 11.32 41.19 5.38
CA PRO D 175 10.49 40.70 6.48
C PRO D 175 10.28 41.72 7.60
N GLU D 176 9.14 41.58 8.30
CA GLU D 176 8.74 42.47 9.40
C GLU D 176 8.40 43.88 8.91
N MET D 177 8.07 44.01 7.63
CA MET D 177 7.54 45.25 7.11
C MET D 177 6.06 45.09 6.84
N SER D 178 5.29 46.14 7.03
CA SER D 178 3.87 46.13 6.71
C SER D 178 3.44 47.47 6.11
N THR D 179 2.32 47.46 5.42
CA THR D 179 1.76 48.64 4.77
C THR D 179 0.22 48.54 4.72
N THR D 180 -0.44 49.64 4.38
CA THR D 180 -1.89 49.64 4.25
C THR D 180 -2.26 49.60 2.76
N MET D 181 -3.16 48.71 2.37
CA MET D 181 -3.59 48.65 0.97
C MET D 181 -4.62 49.72 0.66
N ALA D 182 -4.72 50.12 -0.60
CA ALA D 182 -5.84 50.97 -1.05
C ALA D 182 -7.16 50.21 -0.84
N GLU D 183 -8.26 50.95 -0.75
CA GLU D 183 -9.60 50.38 -0.55
C GLU D 183 -9.80 49.18 -1.45
N SER D 184 -10.22 48.05 -0.87
CA SER D 184 -10.53 46.86 -1.65
C SER D 184 -11.30 45.84 -0.80
N SER D 185 -11.93 44.88 -1.48
CA SER D 185 -12.66 43.84 -0.77
C SER D 185 -11.98 42.52 -1.04
N LEU D 186 -12.33 41.53 -0.24
CA LEU D 186 -11.91 40.15 -0.46
C LEU D 186 -12.50 39.58 -1.75
N LEU D 187 -13.75 39.93 -2.04
CA LEU D 187 -14.37 39.53 -3.30
C LEU D 187 -13.61 40.03 -4.55
N ASP D 188 -12.95 41.19 -4.46
CA ASP D 188 -12.05 41.65 -5.54
C ASP D 188 -10.94 40.63 -5.89
N LEU D 189 -10.54 39.81 -4.91
CA LEU D 189 -9.43 38.89 -5.07
C LEU D 189 -9.89 37.50 -5.53
N LEU D 190 -11.19 37.30 -5.63
CA LEU D 190 -11.73 35.95 -5.87
C LEU D 190 -12.40 35.85 -7.25
N PRO D 191 -12.60 34.62 -7.76
CA PRO D 191 -13.46 34.50 -8.92
C PRO D 191 -14.89 34.90 -8.52
N LYS D 192 -15.76 35.07 -9.52
CA LYS D 192 -17.15 35.41 -9.26
C LYS D 192 -17.75 34.36 -8.32
N GLU D 193 -18.57 34.81 -7.38
CA GLU D 193 -19.17 33.92 -6.40
C GLU D 193 -19.90 32.73 -7.03
N GLU D 194 -20.66 32.97 -8.10
CA GLU D 194 -21.42 31.91 -8.76
C GLU D 194 -20.53 30.75 -9.18
N LYS D 195 -19.25 31.04 -9.39
CA LYS D 195 -18.29 30.08 -9.90
C LYS D 195 -17.58 29.32 -8.79
N LEU D 196 -17.95 29.61 -7.54
CA LEU D 196 -17.35 28.96 -6.38
C LEU D 196 -18.21 27.80 -5.83
N ARG D 197 -19.21 27.38 -6.60
CA ARG D 197 -20.04 26.24 -6.21
C ARG D 197 -19.31 24.91 -6.30
N HIS D 198 -18.37 24.80 -7.24
CA HIS D 198 -17.54 23.59 -7.40
C HIS D 198 -16.23 23.67 -6.59
N TYR D 199 -16.10 22.77 -5.62
CA TYR D 199 -14.89 22.71 -4.79
C TYR D 199 -14.60 21.29 -4.32
N PHE D 200 -13.33 21.07 -3.95
CA PHE D 200 -12.85 19.81 -3.38
C PHE D 200 -12.60 19.95 -1.88
N ARG D 201 -12.71 18.83 -1.16
CA ARG D 201 -12.72 18.86 0.30
C ARG D 201 -11.99 17.64 0.82
N TYR D 202 -11.05 17.88 1.74
CA TYR D 202 -10.35 16.82 2.46
C TYR D 202 -9.78 17.37 3.78
N LEU D 203 -9.40 16.46 4.68
CA LEU D 203 -8.81 16.79 5.97
C LEU D 203 -7.30 16.64 5.92
N GLY D 204 -6.62 17.67 6.42
CA GLY D 204 -5.18 17.68 6.35
C GLY D 204 -4.54 18.57 7.38
N SER D 205 -3.43 19.18 6.98
CA SER D 205 -2.56 19.90 7.90
C SER D 205 -2.20 21.26 7.37
N LEU D 206 -1.60 22.06 8.23
CA LEU D 206 -0.89 23.25 7.82
C LEU D 206 0.34 22.85 7.02
N THR D 207 0.72 23.72 6.09
CA THR D 207 1.77 23.38 5.14
C THR D 207 3.12 24.05 5.52
N THR D 208 3.18 24.56 6.76
CA THR D 208 4.43 25.03 7.35
C THR D 208 4.51 24.45 8.77
N PRO D 209 5.73 24.27 9.30
CA PRO D 209 5.86 23.67 10.65
C PRO D 209 5.06 24.47 11.68
N THR D 210 4.42 23.81 12.66
CA THR D 210 4.62 22.40 12.99
C THR D 210 3.65 21.43 12.28
N CYS D 211 3.03 21.88 11.19
CA CYS D 211 2.17 21.04 10.33
C CYS D 211 1.03 20.33 11.05
N ASP D 212 0.43 21.02 12.04
CA ASP D 212 -0.66 20.47 12.83
C ASP D 212 -1.79 19.92 11.96
N GLU D 213 -2.23 18.71 12.30
CA GLU D 213 -3.29 18.05 11.53
C GLU D 213 -4.66 18.52 12.05
N LYS D 214 -5.03 19.75 11.69
CA LYS D 214 -6.23 20.37 12.24
C LYS D 214 -6.93 21.24 11.21
N VAL D 215 -6.61 21.02 9.94
CA VAL D 215 -7.20 21.80 8.87
C VAL D 215 -8.19 20.97 8.08
N VAL D 216 -9.39 21.52 7.91
CA VAL D 216 -10.30 21.09 6.85
C VAL D 216 -10.07 21.99 5.62
N TRP D 217 -9.58 21.36 4.56
CA TRP D 217 -9.17 22.03 3.35
C TRP D 217 -10.31 22.11 2.35
N THR D 218 -10.40 23.25 1.67
CA THR D 218 -11.27 23.43 0.51
C THR D 218 -10.42 23.97 -0.62
N VAL D 219 -10.43 23.30 -1.76
CA VAL D 219 -9.75 23.81 -2.95
C VAL D 219 -10.78 24.01 -4.04
N PHE D 220 -10.92 25.25 -4.52
CA PHE D 220 -11.95 25.59 -5.48
C PHE D 220 -11.49 25.19 -6.86
N ARG D 221 -12.40 24.65 -7.65
CA ARG D 221 -12.09 24.26 -9.02
C ARG D 221 -11.72 25.46 -9.91
N GLU D 222 -12.39 26.60 -9.70
CA GLU D 222 -12.24 27.76 -10.59
C GLU D 222 -10.99 28.56 -10.22
N PRO D 223 -10.04 28.68 -11.16
CA PRO D 223 -8.87 29.50 -10.89
C PRO D 223 -9.16 31.01 -10.97
N ILE D 224 -8.36 31.78 -10.24
CA ILE D 224 -8.23 33.23 -10.39
C ILE D 224 -7.26 33.50 -11.55
N GLN D 225 -7.63 34.40 -12.46
CA GLN D 225 -6.72 34.80 -13.53
C GLN D 225 -5.90 36.04 -13.13
N LEU D 226 -4.57 35.94 -13.16
CA LEU D 226 -3.69 37.10 -12.98
C LEU D 226 -2.72 37.25 -14.14
N HIS D 227 -2.30 38.48 -14.44
CA HIS D 227 -1.26 38.70 -15.45
C HIS D 227 0.01 38.04 -14.93
N ARG D 228 0.76 37.44 -15.84
CA ARG D 228 2.14 37.03 -15.57
C ARG D 228 2.90 38.08 -14.74
N GLU D 229 2.76 39.34 -15.10
CA GLU D 229 3.49 40.43 -14.45
C GLU D 229 2.98 40.77 -13.04
N GLN D 230 1.68 40.57 -12.82
CA GLN D 230 1.11 40.66 -11.45
C GLN D 230 1.66 39.57 -10.56
N ILE D 231 1.76 38.34 -11.08
CA ILE D 231 2.39 37.25 -10.32
C ILE D 231 3.86 37.57 -10.06
N LEU D 232 4.59 37.99 -11.11
CA LEU D 232 6.02 38.31 -10.98
C LEU D 232 6.34 39.49 -10.06
N ALA D 233 5.38 40.37 -9.83
CA ALA D 233 5.62 41.48 -8.91
C ALA D 233 6.01 40.94 -7.51
N PHE D 234 5.45 39.79 -7.14
CA PHE D 234 5.80 39.13 -5.87
C PHE D 234 7.31 38.78 -5.76
N SER D 235 7.85 38.04 -6.72
CA SER D 235 9.29 37.77 -6.71
C SER D 235 10.19 38.97 -7.07
N GLN D 236 9.64 40.01 -7.72
CA GLN D 236 10.44 41.19 -8.09
C GLN D 236 10.60 42.19 -6.94
N LYS D 237 9.57 42.26 -6.10
CA LYS D 237 9.51 43.27 -5.05
C LYS D 237 9.91 42.73 -3.67
N LEU D 238 9.70 41.43 -3.45
CA LEU D 238 9.83 40.83 -2.12
C LEU D 238 11.10 39.99 -1.97
N TYR D 239 11.59 39.94 -0.73
CA TYR D 239 12.78 39.16 -0.36
C TYR D 239 12.50 38.34 0.90
N TYR D 240 13.15 37.19 1.01
CA TYR D 240 13.10 36.37 2.23
C TYR D 240 13.85 36.99 3.41
N ASP D 241 14.82 37.87 3.12
CA ASP D 241 15.76 38.37 4.13
C ASP D 241 15.87 39.88 4.17
N LYS D 242 16.20 40.44 5.33
CA LYS D 242 16.41 41.87 5.53
C LYS D 242 17.57 42.40 4.69
N GLU D 243 18.55 41.53 4.43
CA GLU D 243 19.74 41.94 3.67
C GLU D 243 19.40 42.02 2.20
N GLN D 244 18.17 41.49 1.70
CA GLN D 244 17.60 41.52 0.36
C GLN D 244 18.55 40.84 -0.62
N THR D 245 18.96 39.61 -0.28
CA THR D 245 19.79 38.81 -1.19
C THR D 245 18.99 37.73 -1.89
N VAL D 246 17.97 37.18 -1.23
CA VAL D 246 17.18 36.09 -1.81
C VAL D 246 15.76 36.58 -2.14
N SER D 247 15.46 36.72 -3.43
CA SER D 247 14.12 37.11 -3.85
C SER D 247 13.10 36.06 -3.40
N MET D 248 11.94 36.52 -2.93
CA MET D 248 10.95 35.60 -2.38
C MET D 248 10.12 34.96 -3.49
N LYS D 249 10.32 33.67 -3.66
CA LYS D 249 9.55 32.83 -4.58
C LYS D 249 9.78 31.39 -4.14
N ASP D 250 8.95 30.47 -4.62
CA ASP D 250 9.10 29.04 -4.35
C ASP D 250 8.93 28.75 -2.88
N ASN D 251 8.09 29.58 -2.28
CA ASN D 251 7.62 29.37 -0.92
C ASN D 251 6.51 28.30 -0.89
N VAL D 252 6.84 27.11 -1.39
CA VAL D 252 5.88 26.01 -1.49
C VAL D 252 6.39 24.70 -0.86
N ARG D 253 5.54 24.05 -0.10
CA ARG D 253 5.84 22.75 0.46
C ARG D 253 5.61 21.67 -0.61
N PRO D 254 6.55 20.69 -0.75
CA PRO D 254 6.40 19.58 -1.69
C PRO D 254 5.12 18.78 -1.41
N LEU D 255 4.65 18.06 -2.43
CA LEU D 255 3.41 17.29 -2.33
C LEU D 255 3.56 16.18 -1.33
N GLN D 256 2.47 15.91 -0.63
CA GLN D 256 2.42 14.87 0.39
C GLN D 256 1.50 13.75 -0.08
N GLN D 257 1.62 12.60 0.57
CA GLN D 257 0.84 11.42 0.24
C GLN D 257 -0.58 11.50 0.79
N LEU D 258 -1.57 11.16 -0.05
CA LEU D 258 -2.95 11.15 0.41
C LEU D 258 -3.15 10.11 1.50
N GLY D 259 -2.50 8.95 1.31
CA GLY D 259 -2.62 7.82 2.21
C GLY D 259 -4.04 7.30 2.32
N GLN D 260 -4.49 7.14 3.55
CA GLN D 260 -5.78 6.53 3.89
C GLN D 260 -7.00 7.42 3.59
N ARG D 261 -6.73 8.70 3.30
CA ARG D 261 -7.79 9.72 3.25
C ARG D 261 -8.63 9.73 1.97
N THR D 262 -9.82 10.31 2.07
CA THR D 262 -10.75 10.43 0.96
C THR D 262 -10.91 11.91 0.59
N VAL D 263 -10.88 12.21 -0.69
CA VAL D 263 -11.20 13.55 -1.16
C VAL D 263 -12.61 13.53 -1.70
N ILE D 264 -13.42 14.47 -1.24
CA ILE D 264 -14.79 14.60 -1.74
C ILE D 264 -15.00 15.93 -2.48
N LYS D 265 -16.07 15.99 -3.25
CA LYS D 265 -16.37 17.21 -4.01
C LYS D 265 -17.86 17.55 -4.01
N SER D 266 -18.15 18.85 -4.14
CA SER D 266 -19.51 19.35 -4.21
C SER D 266 -20.10 18.94 -5.56
ZN ZN E . 10.89 3.78 -22.79
CAT TOR F . 16.83 4.25 -29.28
CAU TOR F . 15.59 3.95 -28.44
CAV TOR F . 14.37 3.86 -29.34
OAR TOR F . 15.44 4.92 -27.39
OAQ TOR F . 15.73 2.71 -27.75
CAK TOR F . 15.15 2.85 -26.45
CAG TOR F . 15.77 1.82 -25.51
OAF TOR F . 15.04 1.79 -24.30
CAE TOR F . 15.93 1.45 -23.26
CAD TOR F . 15.85 -0.06 -22.99
CAJ TOR F . 15.50 2.23 -22.02
OAA TOR F . 17.23 1.82 -23.71
CAB TOR F . 17.20 2.10 -25.12
CAC TOR F . 17.63 3.53 -25.47
OAH TOR F . 16.56 4.48 -25.30
CAL TOR F . 15.36 4.31 -26.08
CAM TOR F . 14.22 4.91 -25.26
OAN TOR F . 12.93 4.72 -25.84
SAO TOR F . 11.68 5.42 -25.26
OAS TOR F . 11.71 6.84 -25.61
OAI TOR F . 10.50 4.70 -25.76
NAP TOR F . 11.70 5.40 -23.74
S SO4 G . 1.41 19.94 -31.46
O1 SO4 G . 0.42 20.05 -30.40
O2 SO4 G . 2.28 18.79 -31.16
O3 SO4 G . 2.26 21.11 -31.58
O4 SO4 G . 0.76 19.75 -32.74
S SO4 H . -1.08 -12.52 -35.70
O1 SO4 H . 0.01 -12.44 -34.74
O2 SO4 H . -1.08 -13.88 -36.24
O3 SO4 H . -0.92 -11.57 -36.81
O4 SO4 H . -2.33 -12.20 -35.00
C1 GOL I . -0.78 -3.92 -39.03
O1 GOL I . -2.17 -3.65 -38.97
C2 GOL I . -0.22 -3.60 -40.40
O2 GOL I . 1.12 -3.20 -40.22
C3 GOL I . -0.28 -4.81 -41.35
O3 GOL I . 0.64 -4.60 -42.40
ZN ZN J . 16.50 -15.70 13.49
CAT TOR K . 22.82 -21.65 14.99
CAU TOR K . 21.97 -20.37 15.02
CAV TOR K . 21.98 -19.75 16.42
OAR TOR K . 20.62 -20.61 14.57
OAQ TOR K . 22.49 -19.41 14.08
CAK TOR K . 21.38 -18.74 13.48
CAG TOR K . 21.80 -18.20 12.12
OAF TOR K . 20.73 -17.44 11.60
CAE TOR K . 20.77 -17.59 10.18
CAD TOR K . 21.60 -16.41 9.61
CAJ TOR K . 19.35 -17.63 9.62
OAA TOR K . 21.39 -18.85 9.91
CAB TOR K . 22.05 -19.31 11.09
CAC TOR K . 21.48 -20.66 11.51
OAH TOR K . 20.25 -20.54 12.23
CAL TOR K . 20.26 -19.79 13.46
CAM TOR K . 18.87 -19.22 13.70
OAN TOR K . 18.78 -18.40 14.86
SAO TOR K . 17.39 -17.99 15.39
OAS TOR K . 16.70 -19.12 16.06
OAI TOR K . 17.62 -16.87 16.28
NAP TOR K . 16.48 -17.63 14.22
S SO4 L . 6.84 -22.77 30.32
O1 SO4 L . 7.31 -22.73 31.71
O2 SO4 L . 6.36 -24.12 29.99
O3 SO4 L . 5.76 -21.80 30.14
O4 SO4 L . 7.98 -22.44 29.46
S SO4 M . 29.42 0.71 25.27
O1 SO4 M . 28.95 -0.08 26.44
O2 SO4 M . 30.86 0.56 25.09
O3 SO4 M . 29.06 2.11 25.48
O4 SO4 M . 28.74 0.25 24.06
C ACT N . 5.19 -34.98 -0.27
O ACT N . 5.54 -36.15 0.01
OXT ACT N . 5.71 -34.48 -1.30
CH3 ACT N . 4.21 -34.21 0.56
C1 GOL O . 26.05 -7.03 30.34
O1 GOL O . 25.39 -6.00 31.04
C2 GOL O . 27.24 -7.53 31.17
O2 GOL O . 27.73 -8.76 30.66
C3 GOL O . 28.32 -6.44 31.20
O3 GOL O . 29.59 -7.03 31.17
ZN ZN P . -18.45 -19.95 3.95
CAT TOR Q . -22.95 -18.57 -3.47
CAU TOR Q . -22.49 -18.70 -2.02
CAV TOR Q . -23.18 -17.68 -1.14
OAR TOR Q . -21.06 -18.59 -1.92
OAQ TOR Q . -22.78 -20.01 -1.50
CAK TOR Q . -21.67 -20.45 -0.72
CAG TOR Q . -21.57 -21.96 -0.77
OAF TOR Q . -20.66 -22.38 0.23
CAE TOR Q . -20.03 -23.57 -0.22
CAD TOR Q . -20.84 -24.78 0.25
CAJ TOR Q . -18.60 -23.61 0.32
OAA TOR Q . -20.03 -23.49 -1.65
CAB TOR Q . -21.01 -22.54 -2.08
CAC TOR Q . -20.38 -21.48 -3.00
OAH TOR Q . -19.69 -20.50 -2.19
CAL TOR Q . -20.46 -19.70 -1.26
CAM TOR Q . -19.49 -19.19 -0.18
OAN TOR Q . -20.15 -18.51 0.92
SAO TOR Q . -19.32 -17.78 2.00
OAS TOR Q . -18.72 -16.55 1.42
OAI TOR Q . -20.25 -17.57 3.12
NAP TOR Q . -18.11 -18.61 2.43
S SO4 R . -15.34 0.57 5.79
O1 SO4 R . -14.93 0.42 7.18
O2 SO4 R . -15.83 -0.74 5.32
O3 SO4 R . -16.42 1.56 5.69
O4 SO4 R . -14.22 0.99 4.94
S SO4 S . -39.21 -19.68 16.31
O1 SO4 S . -39.54 -20.23 17.65
O2 SO4 S . -38.13 -20.49 15.76
O3 SO4 S . -38.80 -18.28 16.39
O4 SO4 S . -40.37 -19.81 15.44
C ACT T . -41.04 -16.74 0.50
O ACT T . -40.39 -17.76 0.85
OXT ACT T . -42.07 -16.96 -0.17
CH3 ACT T . -40.63 -15.33 0.84
C1 GOL U . -5.88 -23.84 4.08
O1 GOL U . -5.57 -25.00 4.84
C2 GOL U . -5.71 -22.66 5.01
O2 GOL U . -4.41 -22.69 5.57
C3 GOL U . -5.99 -21.35 4.27
O3 GOL U . -4.95 -21.02 3.40
ZN ZN V . -0.62 28.72 2.85
CAT TOR W . -0.15 29.73 11.52
CAU TOR W . -0.52 29.66 10.04
CAV TOR W . -2.01 29.38 9.86
OAR TOR W . 0.32 28.71 9.37
OAQ TOR W . -0.27 30.90 9.36
CAK TOR W . 0.19 30.59 8.04
CAG TOR W . 1.11 31.71 7.57
OAF TOR W . 1.39 31.54 6.20
CAE TOR W . 2.66 32.14 5.95
CAD TOR W . 2.49 33.64 5.60
CAJ TOR W . 3.36 31.38 4.83
OAA TOR W . 3.39 32.01 7.17
CAB TOR W . 2.48 31.77 8.23
CAC TOR W . 2.83 30.49 8.97
OAH TOR W . 2.29 29.38 8.23
CAL TOR W . 0.87 29.22 8.17
CAM TOR W . 0.62 28.25 7.01
OAN TOR W . -0.72 28.30 6.51
SAO TOR W . -1.21 27.27 5.47
OAS TOR W . -1.20 25.93 6.07
OAI TOR W . -2.60 27.68 5.16
NAP TOR W . -0.30 27.26 4.25
S SO4 X . -10.62 10.78 6.15
O1 SO4 X . -11.85 10.77 6.93
O2 SO4 X . -9.73 9.71 6.60
O3 SO4 X . -9.96 12.07 6.39
O4 SO4 X . -10.92 10.62 4.73
S SO4 Y . -20.61 42.15 3.36
O1 SO4 Y . -20.87 41.42 4.61
O2 SO4 Y . -21.23 41.37 2.29
O3 SO4 Y . -21.15 43.51 3.39
O4 SO4 Y . -19.17 42.26 3.13
C ACT Z . 4.51 33.54 -13.28
O ACT Z . 5.21 33.56 -12.22
OXT ACT Z . 4.87 34.31 -14.19
CH3 ACT Z . 3.33 32.65 -13.49
#